data_3U08
# 
_entry.id   3U08 
# 
_audit_conform.dict_name       mmcif_pdbx.dic 
_audit_conform.dict_version    5.387 
_audit_conform.dict_location   http://mmcif.pdb.org/dictionaries/ascii/mmcif_pdbx.dic 
# 
loop_
_database_2.database_id 
_database_2.database_code 
_database_2.pdbx_database_accession 
_database_2.pdbx_DOI 
PDB   3U08         pdb_00003u08 10.2210/pdb3u08/pdb 
NDB   NA1306       ?            ?                   
RCSB  RCSB068141   ?            ?                   
WWPDB D_1000068141 ?            ?                   
# 
loop_
_pdbx_audit_revision_history.ordinal 
_pdbx_audit_revision_history.data_content_type 
_pdbx_audit_revision_history.major_revision 
_pdbx_audit_revision_history.minor_revision 
_pdbx_audit_revision_history.revision_date 
1 'Structure model' 1 0 2012-09-12 
2 'Structure model' 1 1 2014-01-08 
3 'Structure model' 1 2 2024-02-28 
# 
_pdbx_audit_revision_details.ordinal             1 
_pdbx_audit_revision_details.revision_ordinal    1 
_pdbx_audit_revision_details.data_content_type   'Structure model' 
_pdbx_audit_revision_details.provider            repository 
_pdbx_audit_revision_details.type                'Initial release' 
_pdbx_audit_revision_details.description         ? 
_pdbx_audit_revision_details.details             ? 
# 
loop_
_pdbx_audit_revision_group.ordinal 
_pdbx_audit_revision_group.revision_ordinal 
_pdbx_audit_revision_group.data_content_type 
_pdbx_audit_revision_group.group 
1 2 'Structure model' 'Database references'  
2 3 'Structure model' 'Data collection'      
3 3 'Structure model' 'Database references'  
4 3 'Structure model' 'Derived calculations' 
# 
loop_
_pdbx_audit_revision_category.ordinal 
_pdbx_audit_revision_category.revision_ordinal 
_pdbx_audit_revision_category.data_content_type 
_pdbx_audit_revision_category.category 
1 3 'Structure model' chem_comp_atom         
2 3 'Structure model' chem_comp_bond         
3 3 'Structure model' database_2             
4 3 'Structure model' pdbx_struct_conn_angle 
5 3 'Structure model' struct_conn            
6 3 'Structure model' struct_site            
# 
loop_
_pdbx_audit_revision_item.ordinal 
_pdbx_audit_revision_item.revision_ordinal 
_pdbx_audit_revision_item.data_content_type 
_pdbx_audit_revision_item.item 
1  3 'Structure model' '_database_2.pdbx_DOI'                        
2  3 'Structure model' '_database_2.pdbx_database_accession'         
3  3 'Structure model' '_pdbx_struct_conn_angle.ptnr1_auth_asym_id'  
4  3 'Structure model' '_pdbx_struct_conn_angle.ptnr1_auth_seq_id'   
5  3 'Structure model' '_pdbx_struct_conn_angle.ptnr1_label_asym_id' 
6  3 'Structure model' '_pdbx_struct_conn_angle.ptnr3_auth_asym_id'  
7  3 'Structure model' '_pdbx_struct_conn_angle.ptnr3_auth_seq_id'   
8  3 'Structure model' '_pdbx_struct_conn_angle.ptnr3_label_asym_id' 
9  3 'Structure model' '_pdbx_struct_conn_angle.value'               
10 3 'Structure model' '_struct_conn.pdbx_dist_value'                
11 3 'Structure model' '_struct_conn.ptnr2_auth_asym_id'             
12 3 'Structure model' '_struct_conn.ptnr2_auth_seq_id'              
13 3 'Structure model' '_struct_conn.ptnr2_label_asym_id'            
14 3 'Structure model' '_struct_site.pdbx_auth_asym_id'              
15 3 'Structure model' '_struct_site.pdbx_auth_comp_id'              
16 3 'Structure model' '_struct_site.pdbx_auth_seq_id'               
# 
_pdbx_database_status.status_code                     REL 
_pdbx_database_status.entry_id                        3U08 
_pdbx_database_status.recvd_initial_deposition_date   2011-09-28 
_pdbx_database_status.deposit_site                    RCSB 
_pdbx_database_status.process_site                    RCSB 
_pdbx_database_status.status_code_sf                  REL 
_pdbx_database_status.status_code_mr                  ? 
_pdbx_database_status.SG_entry                        ? 
_pdbx_database_status.status_code_cs                  ? 
_pdbx_database_status.pdb_format_compatible           Y 
_pdbx_database_status.status_code_nmr_data            ? 
_pdbx_database_status.methods_development_category    ? 
# 
_pdbx_database_related.db_name        PDB 
_pdbx_database_related.db_id          3U05 
_pdbx_database_related.details        . 
_pdbx_database_related.content_type   unspecified 
# 
loop_
_audit_author.name 
_audit_author.pdbx_ordinal 
'Wei, D.G.'  1 
'Neidle, S.' 2 
# 
_citation.id                        primary 
_citation.title                     'Small-molecule binding to the DNA minor groove is mediated by a conserved water cluster.' 
_citation.journal_abbrev            J.Am.Chem.Soc. 
_citation.journal_volume            135 
_citation.page_first                1369 
_citation.page_last                 1377 
_citation.year                      2013 
_citation.journal_id_ASTM           JACSAT 
_citation.country                   US 
_citation.journal_id_ISSN           0002-7863 
_citation.journal_id_CSD            0004 
_citation.book_publisher            ? 
_citation.pdbx_database_id_PubMed   23276263 
_citation.pdbx_database_id_DOI      10.1021/ja308952y 
# 
loop_
_citation_author.citation_id 
_citation_author.name 
_citation_author.ordinal 
_citation_author.identifier_ORCID 
primary 'Wei, D.'      1 ? 
primary 'Wilson, W.D.' 2 ? 
primary 'Neidle, S.'   3 ? 
# 
loop_
_entity.id 
_entity.type 
_entity.src_method 
_entity.pdbx_description 
_entity.formula_weight 
_entity.pdbx_number_of_molecules 
_entity.pdbx_ec 
_entity.pdbx_mutation 
_entity.pdbx_fragment 
_entity.details 
1 polymer     syn "5'-D(*CP*GP*CP*GP*AP*AP*TP*TP*CP*GP*CP*G)-3'"                    3663.392 2   ? ? ? ? 
2 non-polymer syn "4'-(5-carbamimidoyl-1H-benzimidazol-2-yl)biphenyl-4-carboxamide" 355.393  1   ? ? ? ? 
3 non-polymer syn 'MAGNESIUM ION'                                                   24.305   2   ? ? ? ? 
4 water       nat water                                                             18.015   150 ? ? ? ? 
# 
_entity_poly.entity_id                      1 
_entity_poly.type                           polydeoxyribonucleotide 
_entity_poly.nstd_linkage                   no 
_entity_poly.nstd_monomer                   no 
_entity_poly.pdbx_seq_one_letter_code       '(DC)(DG)(DC)(DG)(DA)(DA)(DT)(DT)(DC)(DG)(DC)(DG)' 
_entity_poly.pdbx_seq_one_letter_code_can   CGCGAATTCGCG 
_entity_poly.pdbx_strand_id                 A,B 
_entity_poly.pdbx_target_identifier         ? 
# 
loop_
_pdbx_entity_nonpoly.entity_id 
_pdbx_entity_nonpoly.name 
_pdbx_entity_nonpoly.comp_id 
2 "4'-(5-carbamimidoyl-1H-benzimidazol-2-yl)biphenyl-4-carboxamide" D63 
3 'MAGNESIUM ION'                                                   MG  
4 water                                                             HOH 
# 
loop_
_entity_poly_seq.entity_id 
_entity_poly_seq.num 
_entity_poly_seq.mon_id 
_entity_poly_seq.hetero 
1 1  DC n 
1 2  DG n 
1 3  DC n 
1 4  DG n 
1 5  DA n 
1 6  DA n 
1 7  DT n 
1 8  DT n 
1 9  DC n 
1 10 DG n 
1 11 DC n 
1 12 DG n 
# 
_pdbx_entity_src_syn.entity_id              1 
_pdbx_entity_src_syn.pdbx_src_id            1 
_pdbx_entity_src_syn.pdbx_alt_source_flag   sample 
_pdbx_entity_src_syn.pdbx_beg_seq_num       ? 
_pdbx_entity_src_syn.pdbx_end_seq_num       ? 
_pdbx_entity_src_syn.organism_scientific    ? 
_pdbx_entity_src_syn.organism_common_name   ? 
_pdbx_entity_src_syn.ncbi_taxonomy_id       ? 
_pdbx_entity_src_syn.details                'This sequence occurs naturally in humans.' 
# 
loop_
_chem_comp.id 
_chem_comp.type 
_chem_comp.mon_nstd_flag 
_chem_comp.name 
_chem_comp.pdbx_synonyms 
_chem_comp.formula 
_chem_comp.formula_weight 
D63 non-polymer   . "4'-(5-carbamimidoyl-1H-benzimidazol-2-yl)biphenyl-4-carboxamide" ? 'C21 H17 N5 O'    355.393 
DA  'DNA linking' y "2'-DEOXYADENOSINE-5'-MONOPHOSPHATE"                              ? 'C10 H14 N5 O6 P' 331.222 
DC  'DNA linking' y "2'-DEOXYCYTIDINE-5'-MONOPHOSPHATE"                               ? 'C9 H14 N3 O7 P'  307.197 
DG  'DNA linking' y "2'-DEOXYGUANOSINE-5'-MONOPHOSPHATE"                              ? 'C10 H14 N5 O7 P' 347.221 
DT  'DNA linking' y "THYMIDINE-5'-MONOPHOSPHATE"                                      ? 'C10 H15 N2 O8 P' 322.208 
HOH non-polymer   . WATER                                                             ? 'H2 O'            18.015  
MG  non-polymer   . 'MAGNESIUM ION'                                                   ? 'Mg 2'            24.305  
# 
loop_
_pdbx_poly_seq_scheme.asym_id 
_pdbx_poly_seq_scheme.entity_id 
_pdbx_poly_seq_scheme.seq_id 
_pdbx_poly_seq_scheme.mon_id 
_pdbx_poly_seq_scheme.ndb_seq_num 
_pdbx_poly_seq_scheme.pdb_seq_num 
_pdbx_poly_seq_scheme.auth_seq_num 
_pdbx_poly_seq_scheme.pdb_mon_id 
_pdbx_poly_seq_scheme.auth_mon_id 
_pdbx_poly_seq_scheme.pdb_strand_id 
_pdbx_poly_seq_scheme.pdb_ins_code 
_pdbx_poly_seq_scheme.hetero 
A 1 1  DC 1  1  1  DC DC A . n 
A 1 2  DG 2  2  2  DG DG A . n 
A 1 3  DC 3  3  3  DC DC A . n 
A 1 4  DG 4  4  4  DG DG A . n 
A 1 5  DA 5  5  5  DA DA A . n 
A 1 6  DA 6  6  6  DA DA A . n 
A 1 7  DT 7  7  7  DT DT A . n 
A 1 8  DT 8  8  8  DT DT A . n 
A 1 9  DC 9  9  9  DC DC A . n 
A 1 10 DG 10 10 10 DG DG A . n 
A 1 11 DC 11 11 11 DC DC A . n 
A 1 12 DG 12 12 12 DG DG A . n 
B 1 1  DC 1  13 13 DC DC B . n 
B 1 2  DG 2  14 14 DG DG B . n 
B 1 3  DC 3  15 15 DC DC B . n 
B 1 4  DG 4  16 16 DG DG B . n 
B 1 5  DA 5  17 17 DA DA B . n 
B 1 6  DA 6  18 18 DA DA B . n 
B 1 7  DT 7  19 19 DT DT B . n 
B 1 8  DT 8  20 20 DT DT B . n 
B 1 9  DC 9  21 21 DC DC B . n 
B 1 10 DG 10 22 22 DG DG B . n 
B 1 11 DC 11 23 23 DC DC B . n 
B 1 12 DG 12 24 24 DG DG B . n 
# 
loop_
_pdbx_nonpoly_scheme.asym_id 
_pdbx_nonpoly_scheme.entity_id 
_pdbx_nonpoly_scheme.mon_id 
_pdbx_nonpoly_scheme.ndb_seq_num 
_pdbx_nonpoly_scheme.pdb_seq_num 
_pdbx_nonpoly_scheme.auth_seq_num 
_pdbx_nonpoly_scheme.pdb_mon_id 
_pdbx_nonpoly_scheme.auth_mon_id 
_pdbx_nonpoly_scheme.pdb_strand_id 
_pdbx_nonpoly_scheme.pdb_ins_code 
C 2 D63 1  13  1   D63 963 A . 
D 3 MG  1  14  1   MG  MG  A . 
E 3 MG  1  15  1   MG  MG  A . 
F 4 HOH 1  16  16  HOH HOH A . 
F 4 HOH 2  17  17  HOH HOH A . 
F 4 HOH 3  18  1   HOH HOH A . 
F 4 HOH 4  19  3   HOH HOH A . 
F 4 HOH 5  20  5   HOH HOH A . 
F 4 HOH 6  21  21  HOH HOH A . 
F 4 HOH 7  22  6   HOH HOH A . 
F 4 HOH 8  23  23  HOH HOH A . 
F 4 HOH 9  24  24  HOH HOH A . 
F 4 HOH 10 25  8   HOH HOH A . 
F 4 HOH 11 26  26  HOH HOH A . 
F 4 HOH 12 27  27  HOH HOH A . 
F 4 HOH 13 28  9   HOH HOH A . 
F 4 HOH 14 29  29  HOH HOH A . 
F 4 HOH 15 30  30  HOH HOH A . 
F 4 HOH 16 31  31  HOH HOH A . 
F 4 HOH 17 32  11  HOH HOH A . 
F 4 HOH 18 33  33  HOH HOH A . 
F 4 HOH 19 34  12  HOH HOH A . 
F 4 HOH 20 35  35  HOH HOH A . 
F 4 HOH 21 36  36  HOH HOH A . 
F 4 HOH 22 37  37  HOH HOH A . 
F 4 HOH 23 38  13  HOH HOH A . 
F 4 HOH 24 39  39  HOH HOH A . 
F 4 HOH 25 40  40  HOH HOH A . 
F 4 HOH 26 41  41  HOH HOH A . 
F 4 HOH 27 42  42  HOH HOH A . 
F 4 HOH 28 43  43  HOH HOH A . 
F 4 HOH 29 44  44  HOH HOH A . 
F 4 HOH 30 45  14  HOH HOH A . 
F 4 HOH 31 46  15  HOH HOH A . 
F 4 HOH 32 47  1   HOH HOH A . 
F 4 HOH 33 48  48  HOH HOH A . 
F 4 HOH 34 49  49  HOH HOH A . 
F 4 HOH 35 50  50  HOH HOH A . 
F 4 HOH 36 51  1   HOH HOH A . 
F 4 HOH 37 52  52  HOH HOH A . 
F 4 HOH 38 53  53  HOH HOH A . 
F 4 HOH 39 54  54  HOH HOH A . 
F 4 HOH 40 55  55  HOH HOH A . 
F 4 HOH 41 56  56  HOH HOH A . 
F 4 HOH 42 57  57  HOH HOH A . 
F 4 HOH 43 58  58  HOH HOH A . 
F 4 HOH 44 59  59  HOH HOH A . 
F 4 HOH 45 61  61  HOH HOH A . 
F 4 HOH 46 62  62  HOH HOH A . 
F 4 HOH 47 63  63  HOH HOH A . 
F 4 HOH 48 64  64  HOH HOH A . 
F 4 HOH 49 65  65  HOH HOH A . 
F 4 HOH 50 70  70  HOH HOH A . 
F 4 HOH 51 72  72  HOH HOH A . 
F 4 HOH 52 73  73  HOH HOH A . 
F 4 HOH 53 74  74  HOH HOH A . 
F 4 HOH 54 75  75  HOH HOH A . 
F 4 HOH 55 77  77  HOH HOH A . 
F 4 HOH 56 78  78  HOH HOH A . 
F 4 HOH 57 81  81  HOH HOH A . 
F 4 HOH 58 82  82  HOH HOH A . 
F 4 HOH 59 83  83  HOH HOH A . 
F 4 HOH 60 85  85  HOH HOH A . 
F 4 HOH 61 86  86  HOH HOH A . 
F 4 HOH 62 87  87  HOH HOH A . 
F 4 HOH 63 90  90  HOH HOH A . 
F 4 HOH 64 94  94  HOH HOH A . 
F 4 HOH 65 95  95  HOH HOH A . 
F 4 HOH 66 98  98  HOH HOH A . 
F 4 HOH 67 99  99  HOH HOH A . 
F 4 HOH 68 100 100 HOH HOH A . 
F 4 HOH 69 103 103 HOH HOH A . 
F 4 HOH 70 105 105 HOH HOH A . 
F 4 HOH 71 107 107 HOH HOH A . 
F 4 HOH 72 109 109 HOH HOH A . 
F 4 HOH 73 114 114 HOH HOH A . 
F 4 HOH 74 115 115 HOH HOH A . 
F 4 HOH 75 116 116 HOH HOH A . 
F 4 HOH 76 117 117 HOH HOH A . 
F 4 HOH 77 119 119 HOH HOH A . 
F 4 HOH 78 120 120 HOH HOH A . 
F 4 HOH 79 121 121 HOH HOH A . 
F 4 HOH 80 122 122 HOH HOH A . 
F 4 HOH 81 123 123 HOH HOH A . 
F 4 HOH 82 126 126 HOH HOH A . 
F 4 HOH 83 127 127 HOH HOH A . 
F 4 HOH 84 137 137 HOH HOH A . 
F 4 HOH 85 138 138 HOH HOH A . 
F 4 HOH 86 140 140 HOH HOH A . 
F 4 HOH 87 142 142 HOH HOH A . 
F 4 HOH 88 143 143 HOH HOH A . 
F 4 HOH 89 145 145 HOH HOH A . 
F 4 HOH 90 147 147 HOH HOH A . 
F 4 HOH 91 151 151 HOH HOH A . 
G 4 HOH 1  2   2   HOH HOH B . 
G 4 HOH 2  4   4   HOH HOH B . 
G 4 HOH 3  7   7   HOH HOH B . 
G 4 HOH 4  10  10  HOH HOH B . 
G 4 HOH 5  25  25  HOH HOH B . 
G 4 HOH 6  26  18  HOH HOH B . 
G 4 HOH 7  27  19  HOH HOH B . 
G 4 HOH 8  28  28  HOH HOH B . 
G 4 HOH 9  29  20  HOH HOH B . 
G 4 HOH 10 30  22  HOH HOH B . 
G 4 HOH 11 32  32  HOH HOH B . 
G 4 HOH 12 34  34  HOH HOH B . 
G 4 HOH 13 38  38  HOH HOH B . 
G 4 HOH 14 45  45  HOH HOH B . 
G 4 HOH 15 46  46  HOH HOH B . 
G 4 HOH 16 47  47  HOH HOH B . 
G 4 HOH 17 51  51  HOH HOH B . 
G 4 HOH 18 60  60  HOH HOH B . 
G 4 HOH 19 66  66  HOH HOH B . 
G 4 HOH 20 67  67  HOH HOH B . 
G 4 HOH 21 68  68  HOH HOH B . 
G 4 HOH 22 69  69  HOH HOH B . 
G 4 HOH 23 71  71  HOH HOH B . 
G 4 HOH 24 76  76  HOH HOH B . 
G 4 HOH 25 79  79  HOH HOH B . 
G 4 HOH 26 80  80  HOH HOH B . 
G 4 HOH 27 84  84  HOH HOH B . 
G 4 HOH 28 88  88  HOH HOH B . 
G 4 HOH 29 89  89  HOH HOH B . 
G 4 HOH 30 91  91  HOH HOH B . 
G 4 HOH 31 92  92  HOH HOH B . 
G 4 HOH 32 93  93  HOH HOH B . 
G 4 HOH 33 96  96  HOH HOH B . 
G 4 HOH 34 97  97  HOH HOH B . 
G 4 HOH 35 101 101 HOH HOH B . 
G 4 HOH 36 102 102 HOH HOH B . 
G 4 HOH 37 104 104 HOH HOH B . 
G 4 HOH 38 106 106 HOH HOH B . 
G 4 HOH 39 108 108 HOH HOH B . 
G 4 HOH 40 110 110 HOH HOH B . 
G 4 HOH 41 111 111 HOH HOH B . 
G 4 HOH 42 112 112 HOH HOH B . 
G 4 HOH 43 113 113 HOH HOH B . 
G 4 HOH 44 124 124 HOH HOH B . 
G 4 HOH 45 125 125 HOH HOH B . 
G 4 HOH 46 128 128 HOH HOH B . 
G 4 HOH 47 129 129 HOH HOH B . 
G 4 HOH 48 130 130 HOH HOH B . 
G 4 HOH 49 131 131 HOH HOH B . 
G 4 HOH 50 132 132 HOH HOH B . 
G 4 HOH 51 133 133 HOH HOH B . 
G 4 HOH 52 134 134 HOH HOH B . 
G 4 HOH 53 135 135 HOH HOH B . 
G 4 HOH 54 136 136 HOH HOH B . 
G 4 HOH 55 141 141 HOH HOH B . 
G 4 HOH 56 144 144 HOH HOH B . 
G 4 HOH 57 148 148 HOH HOH B . 
G 4 HOH 58 149 149 HOH HOH B . 
G 4 HOH 59 150 150 HOH HOH B . 
# 
loop_
_software.name 
_software.classification 
_software.version 
_software.citation_id 
_software.pdbx_ordinal 
DNA    'data collection' .        ? 1 
PHASES phasing           .        ? 2 
REFMAC refinement        5.5.0109 ? 3 
xia2   'data reduction'  .        ? 4 
SCALA  'data scaling'    .        ? 5 
# 
_cell.entry_id           3U08 
_cell.length_a           24.070 
_cell.length_b           39.760 
_cell.length_c           65.700 
_cell.angle_alpha        90.00 
_cell.angle_beta         90.00 
_cell.angle_gamma        90.00 
_cell.Z_PDB              8 
_cell.pdbx_unique_axis   ? 
_cell.length_a_esd       ? 
_cell.length_b_esd       ? 
_cell.length_c_esd       ? 
_cell.angle_alpha_esd    ? 
_cell.angle_beta_esd     ? 
_cell.angle_gamma_esd    ? 
# 
_symmetry.entry_id                         3U08 
_symmetry.space_group_name_H-M             'P 21 21 21' 
_symmetry.pdbx_full_space_group_name_H-M   ? 
_symmetry.cell_setting                     ? 
_symmetry.Int_Tables_number                19 
_symmetry.space_group_name_Hall            ? 
# 
_exptl.entry_id          3U08 
_exptl.method            'X-RAY DIFFRACTION' 
_exptl.crystals_number   1 
# 
_exptl_crystal.id                    1 
_exptl_crystal.density_meas          ? 
_exptl_crystal.density_Matthews      2.15 
_exptl_crystal.density_percent_sol   42.67 
_exptl_crystal.description           ? 
_exptl_crystal.F_000                 ? 
_exptl_crystal.preparation           ? 
# 
_exptl_crystal_grow.crystal_id      1 
_exptl_crystal_grow.method          'VAPOR DIFFUSION, HANGING DROP' 
_exptl_crystal_grow.temp            283 
_exptl_crystal_grow.temp_details    ? 
_exptl_crystal_grow.pH              6.5 
_exptl_crystal_grow.pdbx_details    
'MAGNESIUM CHLORIDE, DNA, DB1963, MPD, SODIUM CACODYLATE BUFFER, pH 6.5, VAPOR DIFFUSION, HANGING DROP, temperature 283K' 
_exptl_crystal_grow.pdbx_pH_range   ? 
# 
_diffrn.id                     1 
_diffrn.ambient_temp           100 
_diffrn.ambient_temp_details   ? 
_diffrn.crystal_id             1 
# 
_diffrn_detector.diffrn_id              1 
_diffrn_detector.detector               PIXEL 
_diffrn_detector.type                   'PSI PILATUS 6M' 
_diffrn_detector.pdbx_collection_date   2011-08-07 
_diffrn_detector.details                ? 
# 
_diffrn_radiation.diffrn_id                        1 
_diffrn_radiation.wavelength_id                    1 
_diffrn_radiation.pdbx_monochromatic_or_laue_m_l   M 
_diffrn_radiation.monochromator                    'Si 111 CHANNEL' 
_diffrn_radiation.pdbx_diffrn_protocol             'SINGLE WAVELENGTH' 
_diffrn_radiation.pdbx_scattering_type             x-ray 
# 
_diffrn_radiation_wavelength.id           1 
_diffrn_radiation_wavelength.wavelength   0.9796 
_diffrn_radiation_wavelength.wt           1.0 
# 
_diffrn_source.diffrn_id                   1 
_diffrn_source.source                      SYNCHROTRON 
_diffrn_source.type                        'DIAMOND BEAMLINE I24' 
_diffrn_source.pdbx_synchrotron_site       Diamond 
_diffrn_source.pdbx_synchrotron_beamline   I24 
_diffrn_source.pdbx_wavelength             ? 
_diffrn_source.pdbx_wavelength_list        0.9796 
# 
_reflns.entry_id                     3U08 
_reflns.observed_criterion_sigma_I   0 
_reflns.observed_criterion_sigma_F   0 
_reflns.d_resolution_low             24.07 
_reflns.d_resolution_high            1.15 
_reflns.number_obs                   32077 
_reflns.number_all                   43205 
_reflns.percent_possible_obs         74.2 
_reflns.pdbx_Rmerge_I_obs            ? 
_reflns.pdbx_Rsym_value              ? 
_reflns.pdbx_netI_over_sigmaI        ? 
_reflns.B_iso_Wilson_estimate        ? 
_reflns.pdbx_redundancy              ? 
_reflns.R_free_details               ? 
_reflns.limit_h_max                  ? 
_reflns.limit_h_min                  ? 
_reflns.limit_k_max                  ? 
_reflns.limit_k_min                  ? 
_reflns.limit_l_max                  ? 
_reflns.limit_l_min                  ? 
_reflns.observed_criterion_F_max     ? 
_reflns.observed_criterion_F_min     ? 
_reflns.pdbx_chi_squared             ? 
_reflns.pdbx_scaling_rejects         ? 
_reflns.pdbx_ordinal                 1 
_reflns.pdbx_diffrn_id               1 
# 
loop_
_reflns_shell.d_res_high 
_reflns_shell.d_res_low 
_reflns_shell.percent_possible_all 
_reflns_shell.Rmerge_I_obs 
_reflns_shell.pdbx_Rsym_value 
_reflns_shell.meanI_over_sigI_obs 
_reflns_shell.pdbx_redundancy 
_reflns_shell.percent_possible_obs 
_reflns_shell.number_unique_all 
_reflns_shell.number_measured_all 
_reflns_shell.number_measured_obs 
_reflns_shell.number_unique_obs 
_reflns_shell.pdbx_chi_squared 
_reflns_shell.pdbx_ordinal 
_reflns_shell.pdbx_diffrn_id 
1.15 1.18 8.2  ? ? ? ? ? 3172 ? ? ? ? 1 1 
1.18 1.21 25.1 ? ? ? ? ? 3134 ? ? ? ? 2 1 
1.21 1.25 40.1 ? ? ? ? ? 3035 ? ? ? ? 3 1 
1.25 1.29 53.6 ? ? ? ? ? 2932 ? ? ? ? 4 1 
1.29 1.33 65.6 ? ? ? ? ? 2865 ? ? ? ? 5 1 
1.33 1.38 79.4 ? ? ? ? ? 2734 ? ? ? ? 6 1 
# 
_refine.entry_id                                 3U08 
_refine.ls_number_reflns_obs                     15560 
_refine.ls_number_reflns_all                     ? 
_refine.pdbx_ls_sigma_I                          ? 
_refine.pdbx_ls_sigma_F                          ? 
_refine.pdbx_data_cutoff_high_absF               ? 
_refine.pdbx_data_cutoff_low_absF                ? 
_refine.pdbx_data_cutoff_high_rms_absF           ? 
_refine.ls_d_res_low                             15.33 
_refine.ls_d_res_high                            1.25 
_refine.ls_percent_reflns_obs                    89.60 
_refine.ls_R_factor_obs                          0.20508 
_refine.ls_R_factor_all                          ? 
_refine.ls_R_factor_R_work                       0.20305 
_refine.ls_R_factor_R_free                       0.24339 
_refine.ls_R_factor_R_free_error                 ? 
_refine.ls_R_factor_R_free_error_details         ? 
_refine.ls_percent_reflns_R_free                 5.1 
_refine.ls_number_reflns_R_free                  831 
_refine.ls_number_parameters                     ? 
_refine.ls_number_restraints                     ? 
_refine.occupancy_min                            ? 
_refine.occupancy_max                            ? 
_refine.correlation_coeff_Fo_to_Fc               0.956 
_refine.correlation_coeff_Fo_to_Fc_free          0.936 
_refine.B_iso_mean                               18.462 
_refine.aniso_B[1][1]                            0.00 
_refine.aniso_B[2][2]                            0.00 
_refine.aniso_B[3][3]                            0.00 
_refine.aniso_B[1][2]                            0.00 
_refine.aniso_B[1][3]                            0.00 
_refine.aniso_B[2][3]                            0.00 
_refine.solvent_model_details                    MASK 
_refine.solvent_model_param_ksol                 ? 
_refine.solvent_model_param_bsol                 ? 
_refine.pdbx_solvent_vdw_probe_radii             1.40 
_refine.pdbx_solvent_ion_probe_radii             0.80 
_refine.pdbx_solvent_shrinkage_radii             0.80 
_refine.pdbx_ls_cross_valid_method               THROUGHOUT 
_refine.details                                  'HYDROGENS HAVE BEEN ADDED IN THE RIDING POSITIONS' 
_refine.pdbx_starting_model                      ? 
_refine.pdbx_method_to_determine_struct          'MOLECULAR REPLACEMENT' 
_refine.pdbx_isotropic_thermal_model             ? 
_refine.pdbx_stereochemistry_target_values       'MAXIMUM LIKELIHOOD' 
_refine.pdbx_stereochem_target_val_spec_case     ? 
_refine.pdbx_R_Free_selection_details            RANDOM 
_refine.pdbx_overall_ESU_R_Free                  0.066 
_refine.overall_SU_ML                            0.039 
_refine.pdbx_overall_phase_error                 ? 
_refine.overall_SU_B                             0.863 
_refine.overall_SU_R_Cruickshank_DPI             ? 
_refine.ls_redundancy_reflns_obs                 ? 
_refine.B_iso_min                                ? 
_refine.B_iso_max                                ? 
_refine.overall_SU_R_free                        ? 
_refine.ls_wR_factor_R_free                      ? 
_refine.ls_wR_factor_R_work                      ? 
_refine.overall_FOM_free_R_set                   ? 
_refine.overall_FOM_work_R_set                   ? 
_refine.pdbx_diffrn_id                           1 
_refine.pdbx_refine_id                           'X-RAY DIFFRACTION' 
_refine.pdbx_overall_ESU_R                       ? 
_refine.pdbx_TLS_residual_ADP_flag               ? 
_refine.pdbx_overall_SU_R_free_Cruickshank_DPI   ? 
_refine.pdbx_overall_SU_R_Blow_DPI               ? 
_refine.pdbx_overall_SU_R_free_Blow_DPI          ? 
# 
_refine_hist.pdbx_refine_id                   'X-RAY DIFFRACTION' 
_refine_hist.cycle_id                         LAST 
_refine_hist.pdbx_number_atoms_protein        0 
_refine_hist.pdbx_number_atoms_nucleic_acid   486 
_refine_hist.pdbx_number_atoms_ligand         29 
_refine_hist.number_atoms_solvent             150 
_refine_hist.number_atoms_total               665 
_refine_hist.d_res_high                       1.25 
_refine_hist.d_res_low                        15.33 
# 
loop_
_refine_ls_restr.type 
_refine_ls_restr.dev_ideal 
_refine_ls_restr.dev_ideal_target 
_refine_ls_restr.weight 
_refine_ls_restr.number 
_refine_ls_restr.pdbx_restraint_function 
_refine_ls_restr.pdbx_refine_id 
r_bond_refined_d             0.009 0.021 ? 575 ? 'X-RAY DIFFRACTION' 
r_bond_other_d               ?     ?     ? ?   ? 'X-RAY DIFFRACTION' 
r_angle_refined_deg          1.347 3.000 ? 880 ? 'X-RAY DIFFRACTION' 
r_angle_other_deg            ?     ?     ? ?   ? 'X-RAY DIFFRACTION' 
r_dihedral_angle_1_deg       ?     ?     ? ?   ? 'X-RAY DIFFRACTION' 
r_dihedral_angle_2_deg       ?     ?     ? ?   ? 'X-RAY DIFFRACTION' 
r_dihedral_angle_3_deg       ?     ?     ? ?   ? 'X-RAY DIFFRACTION' 
r_dihedral_angle_4_deg       ?     ?     ? ?   ? 'X-RAY DIFFRACTION' 
r_chiral_restr               0.056 0.200 ? 94  ? 'X-RAY DIFFRACTION' 
r_gen_planes_refined         0.013 0.020 ? 287 ? 'X-RAY DIFFRACTION' 
r_gen_planes_other           ?     ?     ? ?   ? 'X-RAY DIFFRACTION' 
r_nbd_refined                ?     ?     ? ?   ? 'X-RAY DIFFRACTION' 
r_nbd_other                  ?     ?     ? ?   ? 'X-RAY DIFFRACTION' 
r_nbtor_refined              ?     ?     ? ?   ? 'X-RAY DIFFRACTION' 
r_nbtor_other                ?     ?     ? ?   ? 'X-RAY DIFFRACTION' 
r_xyhbond_nbd_refined        ?     ?     ? ?   ? 'X-RAY DIFFRACTION' 
r_xyhbond_nbd_other          ?     ?     ? ?   ? 'X-RAY DIFFRACTION' 
r_metal_ion_refined          ?     ?     ? ?   ? 'X-RAY DIFFRACTION' 
r_metal_ion_other            ?     ?     ? ?   ? 'X-RAY DIFFRACTION' 
r_symmetry_vdw_refined       ?     ?     ? ?   ? 'X-RAY DIFFRACTION' 
r_symmetry_vdw_other         ?     ?     ? ?   ? 'X-RAY DIFFRACTION' 
r_symmetry_hbond_refined     ?     ?     ? ?   ? 'X-RAY DIFFRACTION' 
r_symmetry_hbond_other       ?     ?     ? ?   ? 'X-RAY DIFFRACTION' 
r_symmetry_metal_ion_refined ?     ?     ? ?   ? 'X-RAY DIFFRACTION' 
r_symmetry_metal_ion_other   ?     ?     ? ?   ? 'X-RAY DIFFRACTION' 
r_mcbond_it                  ?     ?     ? ?   ? 'X-RAY DIFFRACTION' 
r_mcbond_other               ?     ?     ? ?   ? 'X-RAY DIFFRACTION' 
r_mcangle_it                 ?     ?     ? ?   ? 'X-RAY DIFFRACTION' 
r_scbond_it                  1.452 3.000 ? 575 ? 'X-RAY DIFFRACTION' 
r_scangle_it                 2.234 4.500 ? 880 ? 'X-RAY DIFFRACTION' 
r_rigid_bond_restr           ?     ?     ? ?   ? 'X-RAY DIFFRACTION' 
r_sphericity_free            ?     ?     ? ?   ? 'X-RAY DIFFRACTION' 
r_sphericity_bonded          ?     ?     ? ?   ? 'X-RAY DIFFRACTION' 
# 
_refine_ls_shell.pdbx_total_number_of_bins_used   20 
_refine_ls_shell.d_res_high                       1.246 
_refine_ls_shell.d_res_low                        1.278 
_refine_ls_shell.number_reflns_R_work             693 
_refine_ls_shell.R_factor_R_work                  0.281 
_refine_ls_shell.percent_reflns_obs               55.98 
_refine_ls_shell.R_factor_R_free                  0.238 
_refine_ls_shell.R_factor_R_free_error            ? 
_refine_ls_shell.percent_reflns_R_free            ? 
_refine_ls_shell.number_reflns_R_free             47 
_refine_ls_shell.number_reflns_all                ? 
_refine_ls_shell.R_factor_all                     ? 
_refine_ls_shell.number_reflns_obs                ? 
_refine_ls_shell.redundancy_reflns_obs            ? 
_refine_ls_shell.pdbx_refine_id                   'X-RAY DIFFRACTION' 
# 
_struct.entry_id                  3U08 
_struct.title                     'Crystal structure of DB1963-D(CGCGAATTCGCG)2 complex at 1.25 A resolution' 
_struct.pdbx_model_details        ? 
_struct.pdbx_CASP_flag            ? 
_struct.pdbx_model_type_details   ? 
# 
_struct_keywords.entry_id        3U08 
_struct_keywords.pdbx_keywords   DNA 
_struct_keywords.text            'double helix, DNA minor groove-ligand binder, DB1963, DNA' 
# 
loop_
_struct_asym.id 
_struct_asym.pdbx_blank_PDB_chainid_flag 
_struct_asym.pdbx_modified 
_struct_asym.entity_id 
_struct_asym.details 
A N N 1 ? 
B N N 1 ? 
C N N 2 ? 
D N N 3 ? 
E N N 3 ? 
F N N 4 ? 
G N N 4 ? 
# 
_struct_ref.id                         1 
_struct_ref.db_name                    PDB 
_struct_ref.db_code                    3U08 
_struct_ref.pdbx_db_accession          3U08 
_struct_ref.entity_id                  1 
_struct_ref.pdbx_align_begin           ? 
_struct_ref.pdbx_seq_one_letter_code   CGCGAATTCGCG 
_struct_ref.pdbx_db_isoform            ? 
# 
loop_
_struct_ref_seq.align_id 
_struct_ref_seq.ref_id 
_struct_ref_seq.pdbx_PDB_id_code 
_struct_ref_seq.pdbx_strand_id 
_struct_ref_seq.seq_align_beg 
_struct_ref_seq.pdbx_seq_align_beg_ins_code 
_struct_ref_seq.seq_align_end 
_struct_ref_seq.pdbx_seq_align_end_ins_code 
_struct_ref_seq.pdbx_db_accession 
_struct_ref_seq.db_align_beg 
_struct_ref_seq.pdbx_db_align_beg_ins_code 
_struct_ref_seq.db_align_end 
_struct_ref_seq.pdbx_db_align_end_ins_code 
_struct_ref_seq.pdbx_auth_seq_align_beg 
_struct_ref_seq.pdbx_auth_seq_align_end 
1 1 3U08 A 1 ? 12 ? 3U08 1  ? 12 ? 1  12 
2 1 3U08 B 1 ? 12 ? 3U08 13 ? 24 ? 13 24 
# 
_pdbx_struct_assembly.id                   1 
_pdbx_struct_assembly.details              author_and_software_defined_assembly 
_pdbx_struct_assembly.method_details       PISA 
_pdbx_struct_assembly.oligomeric_details   dimeric 
_pdbx_struct_assembly.oligomeric_count     2 
# 
loop_
_pdbx_struct_assembly_prop.biol_id 
_pdbx_struct_assembly_prop.type 
_pdbx_struct_assembly_prop.value 
_pdbx_struct_assembly_prop.details 
1 'ABSA (A^2)' 1570 ? 
1 MORE         -12  ? 
1 'SSA (A^2)'  4490 ? 
# 
_pdbx_struct_assembly_gen.assembly_id       1 
_pdbx_struct_assembly_gen.oper_expression   1 
_pdbx_struct_assembly_gen.asym_id_list      A,B,C,D,E,F,G 
# 
_pdbx_struct_oper_list.id                   1 
_pdbx_struct_oper_list.type                 'identity operation' 
_pdbx_struct_oper_list.name                 1_555 
_pdbx_struct_oper_list.symmetry_operation   x,y,z 
_pdbx_struct_oper_list.matrix[1][1]         1.0000000000 
_pdbx_struct_oper_list.matrix[1][2]         0.0000000000 
_pdbx_struct_oper_list.matrix[1][3]         0.0000000000 
_pdbx_struct_oper_list.vector[1]            0.0000000000 
_pdbx_struct_oper_list.matrix[2][1]         0.0000000000 
_pdbx_struct_oper_list.matrix[2][2]         1.0000000000 
_pdbx_struct_oper_list.matrix[2][3]         0.0000000000 
_pdbx_struct_oper_list.vector[2]            0.0000000000 
_pdbx_struct_oper_list.matrix[3][1]         0.0000000000 
_pdbx_struct_oper_list.matrix[3][2]         0.0000000000 
_pdbx_struct_oper_list.matrix[3][3]         1.0000000000 
_pdbx_struct_oper_list.vector[3]            0.0000000000 
# 
_struct_biol.id        1 
_struct_biol.details   ? 
# 
loop_
_struct_conn.id 
_struct_conn.conn_type_id 
_struct_conn.pdbx_leaving_atom_flag 
_struct_conn.pdbx_PDB_id 
_struct_conn.ptnr1_label_asym_id 
_struct_conn.ptnr1_label_comp_id 
_struct_conn.ptnr1_label_seq_id 
_struct_conn.ptnr1_label_atom_id 
_struct_conn.pdbx_ptnr1_label_alt_id 
_struct_conn.pdbx_ptnr1_PDB_ins_code 
_struct_conn.pdbx_ptnr1_standard_comp_id 
_struct_conn.ptnr1_symmetry 
_struct_conn.ptnr2_label_asym_id 
_struct_conn.ptnr2_label_comp_id 
_struct_conn.ptnr2_label_seq_id 
_struct_conn.ptnr2_label_atom_id 
_struct_conn.pdbx_ptnr2_label_alt_id 
_struct_conn.pdbx_ptnr2_PDB_ins_code 
_struct_conn.ptnr1_auth_asym_id 
_struct_conn.ptnr1_auth_comp_id 
_struct_conn.ptnr1_auth_seq_id 
_struct_conn.ptnr2_auth_asym_id 
_struct_conn.ptnr2_auth_comp_id 
_struct_conn.ptnr2_auth_seq_id 
_struct_conn.ptnr2_symmetry 
_struct_conn.pdbx_ptnr3_label_atom_id 
_struct_conn.pdbx_ptnr3_label_seq_id 
_struct_conn.pdbx_ptnr3_label_comp_id 
_struct_conn.pdbx_ptnr3_label_asym_id 
_struct_conn.pdbx_ptnr3_label_alt_id 
_struct_conn.pdbx_ptnr3_PDB_ins_code 
_struct_conn.details 
_struct_conn.pdbx_dist_value 
_struct_conn.pdbx_value_order 
_struct_conn.pdbx_role 
metalc1  metalc ? ? D MG .  MG ? ? ? 1_555 F HOH .  O  ? ? A MG 14 A HOH 18  1_555 ? ? ? ? ? ? ?            2.077 ? ? 
metalc2  metalc ? ? D MG .  MG ? ? ? 1_555 F HOH .  O  ? ? A MG 14 A HOH 83  1_555 ? ? ? ? ? ? ?            2.062 ? ? 
metalc3  metalc ? ? D MG .  MG ? ? ? 1_555 F HOH .  O  ? ? A MG 14 A HOH 85  1_555 ? ? ? ? ? ? ?            2.056 ? ? 
metalc4  metalc ? ? D MG .  MG ? ? ? 1_555 G HOH .  O  ? ? A MG 14 B HOH 4   1_555 ? ? ? ? ? ? ?            2.047 ? ? 
metalc5  metalc ? ? D MG .  MG ? ? ? 1_555 G HOH .  O  ? ? A MG 14 B HOH 84  1_555 ? ? ? ? ? ? ?            2.055 ? ? 
metalc6  metalc ? ? E MG .  MG ? ? ? 1_555 F HOH .  O  ? ? A MG 15 A HOH 54  1_555 ? ? ? ? ? ? ?            2.236 ? ? 
metalc7  metalc ? ? E MG .  MG ? ? ? 1_555 F HOH .  O  ? ? A MG 15 A HOH 64  1_555 ? ? ? ? ? ? ?            2.264 ? ? 
metalc8  metalc ? ? E MG .  MG ? ? ? 1_555 F HOH .  O  ? ? A MG 15 A HOH 81  1_555 ? ? ? ? ? ? ?            2.104 ? ? 
metalc9  metalc ? ? E MG .  MG ? ? ? 1_555 F HOH .  O  ? ? A MG 15 A HOH 107 1_555 ? ? ? ? ? ? ?            2.669 ? ? 
hydrog1  hydrog ? ? A DC 1  N3 ? ? ? 1_555 B DG  12 N1 ? ? A DC 1  B DG  24  1_555 ? ? ? ? ? ? WATSON-CRICK ?     ? ? 
hydrog2  hydrog ? ? A DC 1  N4 ? ? ? 1_555 B DG  12 O6 ? ? A DC 1  B DG  24  1_555 ? ? ? ? ? ? WATSON-CRICK ?     ? ? 
hydrog3  hydrog ? ? A DC 1  O2 ? ? ? 1_555 B DG  12 N2 ? ? A DC 1  B DG  24  1_555 ? ? ? ? ? ? WATSON-CRICK ?     ? ? 
hydrog4  hydrog ? ? A DG 2  N1 ? ? ? 1_555 B DC  11 N3 ? ? A DG 2  B DC  23  1_555 ? ? ? ? ? ? WATSON-CRICK ?     ? ? 
hydrog5  hydrog ? ? A DG 2  N2 ? ? ? 1_555 B DC  11 O2 ? ? A DG 2  B DC  23  1_555 ? ? ? ? ? ? WATSON-CRICK ?     ? ? 
hydrog6  hydrog ? ? A DG 2  O6 ? ? ? 1_555 B DC  11 N4 ? ? A DG 2  B DC  23  1_555 ? ? ? ? ? ? WATSON-CRICK ?     ? ? 
hydrog7  hydrog ? ? A DC 3  N3 ? ? ? 1_555 B DG  10 N1 ? ? A DC 3  B DG  22  1_555 ? ? ? ? ? ? WATSON-CRICK ?     ? ? 
hydrog8  hydrog ? ? A DC 3  N4 ? ? ? 1_555 B DG  10 O6 ? ? A DC 3  B DG  22  1_555 ? ? ? ? ? ? WATSON-CRICK ?     ? ? 
hydrog9  hydrog ? ? A DC 3  O2 ? ? ? 1_555 B DG  10 N2 ? ? A DC 3  B DG  22  1_555 ? ? ? ? ? ? WATSON-CRICK ?     ? ? 
hydrog10 hydrog ? ? A DG 4  N1 ? ? ? 1_555 B DC  9  N3 ? ? A DG 4  B DC  21  1_555 ? ? ? ? ? ? WATSON-CRICK ?     ? ? 
hydrog11 hydrog ? ? A DG 4  N2 ? ? ? 1_555 B DC  9  O2 ? ? A DG 4  B DC  21  1_555 ? ? ? ? ? ? WATSON-CRICK ?     ? ? 
hydrog12 hydrog ? ? A DG 4  O6 ? ? ? 1_555 B DC  9  N4 ? ? A DG 4  B DC  21  1_555 ? ? ? ? ? ? WATSON-CRICK ?     ? ? 
hydrog13 hydrog ? ? A DA 5  N1 ? ? ? 1_555 B DT  8  N3 ? ? A DA 5  B DT  20  1_555 ? ? ? ? ? ? WATSON-CRICK ?     ? ? 
hydrog14 hydrog ? ? A DA 5  N6 ? ? ? 1_555 B DT  8  O4 ? ? A DA 5  B DT  20  1_555 ? ? ? ? ? ? WATSON-CRICK ?     ? ? 
hydrog15 hydrog ? ? A DA 6  N1 ? ? ? 1_555 B DT  7  N3 ? ? A DA 6  B DT  19  1_555 ? ? ? ? ? ? WATSON-CRICK ?     ? ? 
hydrog16 hydrog ? ? A DA 6  N6 ? ? ? 1_555 B DT  7  O4 ? ? A DA 6  B DT  19  1_555 ? ? ? ? ? ? WATSON-CRICK ?     ? ? 
hydrog17 hydrog ? ? A DT 7  N3 ? ? ? 1_555 B DA  6  N1 ? ? A DT 7  B DA  18  1_555 ? ? ? ? ? ? WATSON-CRICK ?     ? ? 
hydrog18 hydrog ? ? A DT 7  O4 ? ? ? 1_555 B DA  6  N6 ? ? A DT 7  B DA  18  1_555 ? ? ? ? ? ? WATSON-CRICK ?     ? ? 
hydrog19 hydrog ? ? A DT 8  N3 ? ? ? 1_555 B DA  5  N1 ? ? A DT 8  B DA  17  1_555 ? ? ? ? ? ? WATSON-CRICK ?     ? ? 
hydrog20 hydrog ? ? A DT 8  O4 ? ? ? 1_555 B DA  5  N6 ? ? A DT 8  B DA  17  1_555 ? ? ? ? ? ? WATSON-CRICK ?     ? ? 
hydrog21 hydrog ? ? A DC 9  N3 ? ? ? 1_555 B DG  4  N1 ? ? A DC 9  B DG  16  1_555 ? ? ? ? ? ? WATSON-CRICK ?     ? ? 
hydrog22 hydrog ? ? A DC 9  N4 ? ? ? 1_555 B DG  4  O6 ? ? A DC 9  B DG  16  1_555 ? ? ? ? ? ? WATSON-CRICK ?     ? ? 
hydrog23 hydrog ? ? A DC 9  O2 ? ? ? 1_555 B DG  4  N2 ? ? A DC 9  B DG  16  1_555 ? ? ? ? ? ? WATSON-CRICK ?     ? ? 
hydrog24 hydrog ? ? A DG 10 N1 ? ? ? 1_555 B DC  3  N3 ? ? A DG 10 B DC  15  1_555 ? ? ? ? ? ? WATSON-CRICK ?     ? ? 
hydrog25 hydrog ? ? A DG 10 N2 ? ? ? 1_555 B DC  3  O2 ? ? A DG 10 B DC  15  1_555 ? ? ? ? ? ? WATSON-CRICK ?     ? ? 
hydrog26 hydrog ? ? A DG 10 O6 ? ? ? 1_555 B DC  3  N4 ? ? A DG 10 B DC  15  1_555 ? ? ? ? ? ? WATSON-CRICK ?     ? ? 
hydrog27 hydrog ? ? A DC 11 N3 ? ? ? 1_555 B DG  2  N1 ? ? A DC 11 B DG  14  1_555 ? ? ? ? ? ? WATSON-CRICK ?     ? ? 
hydrog28 hydrog ? ? A DC 11 N4 ? ? ? 1_555 B DG  2  O6 ? ? A DC 11 B DG  14  1_555 ? ? ? ? ? ? WATSON-CRICK ?     ? ? 
hydrog29 hydrog ? ? A DC 11 O2 ? ? ? 1_555 B DG  2  N2 ? ? A DC 11 B DG  14  1_555 ? ? ? ? ? ? WATSON-CRICK ?     ? ? 
hydrog30 hydrog ? ? A DG 12 N1 ? ? ? 1_555 B DC  1  N3 ? ? A DG 12 B DC  13  1_555 ? ? ? ? ? ? WATSON-CRICK ?     ? ? 
hydrog31 hydrog ? ? A DG 12 N2 ? ? ? 1_555 B DC  1  O2 ? ? A DG 12 B DC  13  1_555 ? ? ? ? ? ? WATSON-CRICK ?     ? ? 
hydrog32 hydrog ? ? A DG 12 O6 ? ? ? 1_555 B DC  1  N4 ? ? A DG 12 B DC  13  1_555 ? ? ? ? ? ? WATSON-CRICK ?     ? ? 
# 
loop_
_struct_conn_type.id 
_struct_conn_type.criteria 
_struct_conn_type.reference 
metalc ? ? 
hydrog ? ? 
# 
loop_
_pdbx_struct_conn_angle.id 
_pdbx_struct_conn_angle.ptnr1_label_atom_id 
_pdbx_struct_conn_angle.ptnr1_label_alt_id 
_pdbx_struct_conn_angle.ptnr1_label_asym_id 
_pdbx_struct_conn_angle.ptnr1_label_comp_id 
_pdbx_struct_conn_angle.ptnr1_label_seq_id 
_pdbx_struct_conn_angle.ptnr1_auth_atom_id 
_pdbx_struct_conn_angle.ptnr1_auth_asym_id 
_pdbx_struct_conn_angle.ptnr1_auth_comp_id 
_pdbx_struct_conn_angle.ptnr1_auth_seq_id 
_pdbx_struct_conn_angle.ptnr1_PDB_ins_code 
_pdbx_struct_conn_angle.ptnr1_symmetry 
_pdbx_struct_conn_angle.ptnr2_label_atom_id 
_pdbx_struct_conn_angle.ptnr2_label_alt_id 
_pdbx_struct_conn_angle.ptnr2_label_asym_id 
_pdbx_struct_conn_angle.ptnr2_label_comp_id 
_pdbx_struct_conn_angle.ptnr2_label_seq_id 
_pdbx_struct_conn_angle.ptnr2_auth_atom_id 
_pdbx_struct_conn_angle.ptnr2_auth_asym_id 
_pdbx_struct_conn_angle.ptnr2_auth_comp_id 
_pdbx_struct_conn_angle.ptnr2_auth_seq_id 
_pdbx_struct_conn_angle.ptnr2_PDB_ins_code 
_pdbx_struct_conn_angle.ptnr2_symmetry 
_pdbx_struct_conn_angle.ptnr3_label_atom_id 
_pdbx_struct_conn_angle.ptnr3_label_alt_id 
_pdbx_struct_conn_angle.ptnr3_label_asym_id 
_pdbx_struct_conn_angle.ptnr3_label_comp_id 
_pdbx_struct_conn_angle.ptnr3_label_seq_id 
_pdbx_struct_conn_angle.ptnr3_auth_atom_id 
_pdbx_struct_conn_angle.ptnr3_auth_asym_id 
_pdbx_struct_conn_angle.ptnr3_auth_comp_id 
_pdbx_struct_conn_angle.ptnr3_auth_seq_id 
_pdbx_struct_conn_angle.ptnr3_PDB_ins_code 
_pdbx_struct_conn_angle.ptnr3_symmetry 
_pdbx_struct_conn_angle.value 
_pdbx_struct_conn_angle.value_esd 
1  O ? F HOH . ? A HOH 18 ? 1_555 MG ? D MG . ? A MG 14 ? 1_555 O ? F HOH . ? A HOH 83  ? 1_555 90.1  ? 
2  O ? F HOH . ? A HOH 18 ? 1_555 MG ? D MG . ? A MG 14 ? 1_555 O ? F HOH . ? A HOH 85  ? 1_555 88.2  ? 
3  O ? F HOH . ? A HOH 83 ? 1_555 MG ? D MG . ? A MG 14 ? 1_555 O ? F HOH . ? A HOH 85  ? 1_555 96.5  ? 
4  O ? F HOH . ? A HOH 18 ? 1_555 MG ? D MG . ? A MG 14 ? 1_555 O ? G HOH . ? B HOH 4   ? 1_555 94.8  ? 
5  O ? F HOH . ? A HOH 83 ? 1_555 MG ? D MG . ? A MG 14 ? 1_555 O ? G HOH . ? B HOH 4   ? 1_555 87.0  ? 
6  O ? F HOH . ? A HOH 85 ? 1_555 MG ? D MG . ? A MG 14 ? 1_555 O ? G HOH . ? B HOH 4   ? 1_555 175.4 ? 
7  O ? F HOH . ? A HOH 18 ? 1_555 MG ? D MG . ? A MG 14 ? 1_555 O ? G HOH . ? B HOH 84  ? 1_555 91.8  ? 
8  O ? F HOH . ? A HOH 83 ? 1_555 MG ? D MG . ? A MG 14 ? 1_555 O ? G HOH . ? B HOH 84  ? 1_555 173.5 ? 
9  O ? F HOH . ? A HOH 85 ? 1_555 MG ? D MG . ? A MG 14 ? 1_555 O ? G HOH . ? B HOH 84  ? 1_555 89.8  ? 
10 O ? G HOH . ? B HOH 4  ? 1_555 MG ? D MG . ? A MG 14 ? 1_555 O ? G HOH . ? B HOH 84  ? 1_555 86.6  ? 
11 O ? F HOH . ? A HOH 54 ? 1_555 MG ? E MG . ? A MG 15 ? 1_555 O ? F HOH . ? A HOH 64  ? 1_555 73.2  ? 
12 O ? F HOH . ? A HOH 54 ? 1_555 MG ? E MG . ? A MG 15 ? 1_555 O ? F HOH . ? A HOH 81  ? 1_555 88.8  ? 
13 O ? F HOH . ? A HOH 64 ? 1_555 MG ? E MG . ? A MG 15 ? 1_555 O ? F HOH . ? A HOH 81  ? 1_555 99.8  ? 
14 O ? F HOH . ? A HOH 54 ? 1_555 MG ? E MG . ? A MG 15 ? 1_555 O ? F HOH . ? A HOH 107 ? 1_555 72.4  ? 
15 O ? F HOH . ? A HOH 64 ? 1_555 MG ? E MG . ? A MG 15 ? 1_555 O ? F HOH . ? A HOH 107 ? 1_555 81.1  ? 
16 O ? F HOH . ? A HOH 81 ? 1_555 MG ? E MG . ? A MG 15 ? 1_555 O ? F HOH . ? A HOH 107 ? 1_555 160.2 ? 
# 
loop_
_struct_site.id 
_struct_site.pdbx_evidence_code 
_struct_site.pdbx_auth_asym_id 
_struct_site.pdbx_auth_comp_id 
_struct_site.pdbx_auth_seq_id 
_struct_site.pdbx_auth_ins_code 
_struct_site.pdbx_num_residues 
_struct_site.details 
AC1 Software A D63 13 ? 16 'BINDING SITE FOR RESIDUE D63 A 13' 
AC2 Software A MG  14 ? 6  'BINDING SITE FOR RESIDUE MG A 14'  
AC3 Software A MG  15 ? 6  'BINDING SITE FOR RESIDUE MG A 15'  
1   ?        ? ?   ?  ? ?  ?                                   
# 
loop_
_struct_site_gen.id 
_struct_site_gen.site_id 
_struct_site_gen.pdbx_num_res 
_struct_site_gen.label_comp_id 
_struct_site_gen.label_asym_id 
_struct_site_gen.label_seq_id 
_struct_site_gen.pdbx_auth_ins_code 
_struct_site_gen.auth_comp_id 
_struct_site_gen.auth_asym_id 
_struct_site_gen.auth_seq_id 
_struct_site_gen.label_atom_id 
_struct_site_gen.label_alt_id 
_struct_site_gen.symmetry 
_struct_site_gen.details 
1  AC1 16 DA  A 6  ? DA  A 6   . ? 1_555 ? 
2  AC1 16 DT  A 7  ? DT  A 7   . ? 1_555 ? 
3  AC1 16 DT  A 8  ? DT  A 8   . ? 1_555 ? 
4  AC1 16 DC  A 9  ? DC  A 9   . ? 1_555 ? 
5  AC1 16 HOH F .  ? HOH A 21  . ? 1_555 ? 
6  AC1 16 HOH F .  ? HOH A 37  . ? 1_555 ? 
7  AC1 16 HOH F .  ? HOH A 47  . ? 1_555 ? 
8  AC1 16 HOH F .  ? HOH A 87  . ? 1_555 ? 
9  AC1 16 HOH F .  ? HOH A 95  . ? 1_555 ? 
10 AC1 16 HOH F .  ? HOH A 103 . ? 1_555 ? 
11 AC1 16 HOH F .  ? HOH A 105 . ? 1_555 ? 
12 AC1 16 DA  B 6  ? DA  B 18  . ? 1_555 ? 
13 AC1 16 DT  B 7  ? DT  B 19  . ? 1_555 ? 
14 AC1 16 DT  B 8  ? DT  B 20  . ? 1_555 ? 
15 AC1 16 DC  B 9  ? DC  B 21  . ? 1_555 ? 
16 AC1 16 DG  B 10 ? DG  B 22  . ? 1_555 ? 
17 AC2 6  HOH F .  ? HOH A 18  . ? 1_555 ? 
18 AC2 6  HOH F .  ? HOH A 19  . ? 3_655 ? 
19 AC2 6  HOH F .  ? HOH A 83  . ? 1_555 ? 
20 AC2 6  HOH F .  ? HOH A 85  . ? 1_555 ? 
21 AC2 6  HOH G .  ? HOH B 4   . ? 1_555 ? 
22 AC2 6  HOH G .  ? HOH B 84  . ? 1_555 ? 
23 AC3 6  HOH F .  ? HOH A 54  . ? 1_555 ? 
24 AC3 6  HOH F .  ? HOH A 64  . ? 1_555 ? 
25 AC3 6  HOH F .  ? HOH A 81  . ? 1_555 ? 
26 AC3 6  HOH F .  ? HOH A 103 . ? 2_564 ? 
27 AC3 6  HOH F .  ? HOH A 107 . ? 1_555 ? 
28 AC3 6  DG  B 10 ? DG  B 22  . ? 2_564 ? 
# 
_struct_site_keywords.site_id   1 
_struct_site_keywords.text      'MINOR GROOVE BINDER' 
# 
loop_
_chem_comp_atom.comp_id 
_chem_comp_atom.atom_id 
_chem_comp_atom.type_symbol 
_chem_comp_atom.pdbx_aromatic_flag 
_chem_comp_atom.pdbx_stereo_config 
_chem_comp_atom.pdbx_ordinal 
D63 NAA    N  N N 1   
D63 NAB    N  N N 2   
D63 NAC    N  N N 3   
D63 OAD    O  N N 4   
D63 CAE    C  Y N 5   
D63 CAF    C  Y N 6   
D63 CAG    C  Y N 7   
D63 CAH    C  Y N 8   
D63 CAI    C  Y N 9   
D63 CAJ    C  Y N 10  
D63 CAK    C  Y N 11  
D63 CAL    C  Y N 12  
D63 CAM    C  Y N 13  
D63 CAN    C  Y N 14  
D63 CAO    C  Y N 15  
D63 NAP    N  Y N 16  
D63 NAQ    N  Y N 17  
D63 CAR    C  N N 18  
D63 CAS    C  N N 19  
D63 CAT    C  Y N 20  
D63 CAU    C  Y N 21  
D63 CAV    C  Y N 22  
D63 CAW    C  Y N 23  
D63 CAX    C  Y N 24  
D63 CAY    C  Y N 25  
D63 CAZ    C  Y N 26  
D63 CBA    C  Y N 27  
D63 HNAA   H  N N 28  
D63 HNAB   H  N N 29  
D63 HNAC   H  N N 30  
D63 HNAD   H  N N 31  
D63 HNAE   H  N N 32  
D63 HAE    H  N N 33  
D63 HAF    H  N N 34  
D63 HAG    H  N N 35  
D63 HAH    H  N N 36  
D63 HAI    H  N N 37  
D63 HAJ    H  N N 38  
D63 HAK    H  N N 39  
D63 HAL    H  N N 40  
D63 HAM    H  N N 41  
D63 HAN    H  N N 42  
D63 HAO    H  N N 43  
D63 HNAP   H  N N 44  
DA  OP3    O  N N 45  
DA  P      P  N N 46  
DA  OP1    O  N N 47  
DA  OP2    O  N N 48  
DA  "O5'"  O  N N 49  
DA  "C5'"  C  N N 50  
DA  "C4'"  C  N R 51  
DA  "O4'"  O  N N 52  
DA  "C3'"  C  N S 53  
DA  "O3'"  O  N N 54  
DA  "C2'"  C  N N 55  
DA  "C1'"  C  N R 56  
DA  N9     N  Y N 57  
DA  C8     C  Y N 58  
DA  N7     N  Y N 59  
DA  C5     C  Y N 60  
DA  C6     C  Y N 61  
DA  N6     N  N N 62  
DA  N1     N  Y N 63  
DA  C2     C  Y N 64  
DA  N3     N  Y N 65  
DA  C4     C  Y N 66  
DA  HOP3   H  N N 67  
DA  HOP2   H  N N 68  
DA  "H5'"  H  N N 69  
DA  "H5''" H  N N 70  
DA  "H4'"  H  N N 71  
DA  "H3'"  H  N N 72  
DA  "HO3'" H  N N 73  
DA  "H2'"  H  N N 74  
DA  "H2''" H  N N 75  
DA  "H1'"  H  N N 76  
DA  H8     H  N N 77  
DA  H61    H  N N 78  
DA  H62    H  N N 79  
DA  H2     H  N N 80  
DC  OP3    O  N N 81  
DC  P      P  N N 82  
DC  OP1    O  N N 83  
DC  OP2    O  N N 84  
DC  "O5'"  O  N N 85  
DC  "C5'"  C  N N 86  
DC  "C4'"  C  N R 87  
DC  "O4'"  O  N N 88  
DC  "C3'"  C  N S 89  
DC  "O3'"  O  N N 90  
DC  "C2'"  C  N N 91  
DC  "C1'"  C  N R 92  
DC  N1     N  N N 93  
DC  C2     C  N N 94  
DC  O2     O  N N 95  
DC  N3     N  N N 96  
DC  C4     C  N N 97  
DC  N4     N  N N 98  
DC  C5     C  N N 99  
DC  C6     C  N N 100 
DC  HOP3   H  N N 101 
DC  HOP2   H  N N 102 
DC  "H5'"  H  N N 103 
DC  "H5''" H  N N 104 
DC  "H4'"  H  N N 105 
DC  "H3'"  H  N N 106 
DC  "HO3'" H  N N 107 
DC  "H2'"  H  N N 108 
DC  "H2''" H  N N 109 
DC  "H1'"  H  N N 110 
DC  H41    H  N N 111 
DC  H42    H  N N 112 
DC  H5     H  N N 113 
DC  H6     H  N N 114 
DG  OP3    O  N N 115 
DG  P      P  N N 116 
DG  OP1    O  N N 117 
DG  OP2    O  N N 118 
DG  "O5'"  O  N N 119 
DG  "C5'"  C  N N 120 
DG  "C4'"  C  N R 121 
DG  "O4'"  O  N N 122 
DG  "C3'"  C  N S 123 
DG  "O3'"  O  N N 124 
DG  "C2'"  C  N N 125 
DG  "C1'"  C  N R 126 
DG  N9     N  Y N 127 
DG  C8     C  Y N 128 
DG  N7     N  Y N 129 
DG  C5     C  Y N 130 
DG  C6     C  N N 131 
DG  O6     O  N N 132 
DG  N1     N  N N 133 
DG  C2     C  N N 134 
DG  N2     N  N N 135 
DG  N3     N  N N 136 
DG  C4     C  Y N 137 
DG  HOP3   H  N N 138 
DG  HOP2   H  N N 139 
DG  "H5'"  H  N N 140 
DG  "H5''" H  N N 141 
DG  "H4'"  H  N N 142 
DG  "H3'"  H  N N 143 
DG  "HO3'" H  N N 144 
DG  "H2'"  H  N N 145 
DG  "H2''" H  N N 146 
DG  "H1'"  H  N N 147 
DG  H8     H  N N 148 
DG  H1     H  N N 149 
DG  H21    H  N N 150 
DG  H22    H  N N 151 
DT  OP3    O  N N 152 
DT  P      P  N N 153 
DT  OP1    O  N N 154 
DT  OP2    O  N N 155 
DT  "O5'"  O  N N 156 
DT  "C5'"  C  N N 157 
DT  "C4'"  C  N R 158 
DT  "O4'"  O  N N 159 
DT  "C3'"  C  N S 160 
DT  "O3'"  O  N N 161 
DT  "C2'"  C  N N 162 
DT  "C1'"  C  N R 163 
DT  N1     N  N N 164 
DT  C2     C  N N 165 
DT  O2     O  N N 166 
DT  N3     N  N N 167 
DT  C4     C  N N 168 
DT  O4     O  N N 169 
DT  C5     C  N N 170 
DT  C7     C  N N 171 
DT  C6     C  N N 172 
DT  HOP3   H  N N 173 
DT  HOP2   H  N N 174 
DT  "H5'"  H  N N 175 
DT  "H5''" H  N N 176 
DT  "H4'"  H  N N 177 
DT  "H3'"  H  N N 178 
DT  "HO3'" H  N N 179 
DT  "H2'"  H  N N 180 
DT  "H2''" H  N N 181 
DT  "H1'"  H  N N 182 
DT  H3     H  N N 183 
DT  H71    H  N N 184 
DT  H72    H  N N 185 
DT  H73    H  N N 186 
DT  H6     H  N N 187 
HOH O      O  N N 188 
HOH H1     H  N N 189 
HOH H2     H  N N 190 
MG  MG     MG N N 191 
# 
loop_
_chem_comp_bond.comp_id 
_chem_comp_bond.atom_id_1 
_chem_comp_bond.atom_id_2 
_chem_comp_bond.value_order 
_chem_comp_bond.pdbx_aromatic_flag 
_chem_comp_bond.pdbx_stereo_config 
_chem_comp_bond.pdbx_ordinal 
D63 NAA   CAR    sing N N 1   
D63 NAB   CAR    doub N N 2   
D63 CAR   CAU    sing N N 3   
D63 CAU   CAM    doub Y N 4   
D63 CAU   CAO    sing Y N 5   
D63 CAM   CAN    sing Y N 6   
D63 CAO   CBA    doub Y N 7   
D63 CAN   CAZ    doub Y N 8   
D63 CBA   CAZ    sing Y N 9   
D63 CBA   NAQ    sing Y N 10  
D63 CAZ   NAP    sing Y N 11  
D63 NAQ   CAY    doub Y N 12  
D63 NAP   CAY    sing Y N 13  
D63 CAY   CAX    sing Y N 14  
D63 CAX   CAL    doub Y N 15  
D63 CAX   CAK    sing Y N 16  
D63 CAL   CAJ    sing Y N 17  
D63 CAK   CAI    doub Y N 18  
D63 CAJ   CAW    doub Y N 19  
D63 CAI   CAW    sing Y N 20  
D63 CAW   CAV    sing Y N 21  
D63 CAV   CAG    doub Y N 22  
D63 CAV   CAH    sing Y N 23  
D63 CAG   CAE    sing Y N 24  
D63 CAH   CAF    doub Y N 25  
D63 CAE   CAT    doub Y N 26  
D63 CAF   CAT    sing Y N 27  
D63 CAT   CAS    sing N N 28  
D63 CAS   NAC    sing N N 29  
D63 CAS   OAD    doub N N 30  
D63 NAA   HNAA   sing N N 31  
D63 NAA   HNAB   sing N N 32  
D63 NAB   HNAC   sing N N 33  
D63 NAC   HNAD   sing N N 34  
D63 NAC   HNAE   sing N N 35  
D63 CAE   HAE    sing N N 36  
D63 CAF   HAF    sing N N 37  
D63 CAG   HAG    sing N N 38  
D63 CAH   HAH    sing N N 39  
D63 CAI   HAI    sing N N 40  
D63 CAJ   HAJ    sing N N 41  
D63 CAK   HAK    sing N N 42  
D63 CAL   HAL    sing N N 43  
D63 CAM   HAM    sing N N 44  
D63 CAN   HAN    sing N N 45  
D63 CAO   HAO    sing N N 46  
D63 NAP   HNAP   sing N N 47  
DA  OP3   P      sing N N 48  
DA  OP3   HOP3   sing N N 49  
DA  P     OP1    doub N N 50  
DA  P     OP2    sing N N 51  
DA  P     "O5'"  sing N N 52  
DA  OP2   HOP2   sing N N 53  
DA  "O5'" "C5'"  sing N N 54  
DA  "C5'" "C4'"  sing N N 55  
DA  "C5'" "H5'"  sing N N 56  
DA  "C5'" "H5''" sing N N 57  
DA  "C4'" "O4'"  sing N N 58  
DA  "C4'" "C3'"  sing N N 59  
DA  "C4'" "H4'"  sing N N 60  
DA  "O4'" "C1'"  sing N N 61  
DA  "C3'" "O3'"  sing N N 62  
DA  "C3'" "C2'"  sing N N 63  
DA  "C3'" "H3'"  sing N N 64  
DA  "O3'" "HO3'" sing N N 65  
DA  "C2'" "C1'"  sing N N 66  
DA  "C2'" "H2'"  sing N N 67  
DA  "C2'" "H2''" sing N N 68  
DA  "C1'" N9     sing N N 69  
DA  "C1'" "H1'"  sing N N 70  
DA  N9    C8     sing Y N 71  
DA  N9    C4     sing Y N 72  
DA  C8    N7     doub Y N 73  
DA  C8    H8     sing N N 74  
DA  N7    C5     sing Y N 75  
DA  C5    C6     sing Y N 76  
DA  C5    C4     doub Y N 77  
DA  C6    N6     sing N N 78  
DA  C6    N1     doub Y N 79  
DA  N6    H61    sing N N 80  
DA  N6    H62    sing N N 81  
DA  N1    C2     sing Y N 82  
DA  C2    N3     doub Y N 83  
DA  C2    H2     sing N N 84  
DA  N3    C4     sing Y N 85  
DC  OP3   P      sing N N 86  
DC  OP3   HOP3   sing N N 87  
DC  P     OP1    doub N N 88  
DC  P     OP2    sing N N 89  
DC  P     "O5'"  sing N N 90  
DC  OP2   HOP2   sing N N 91  
DC  "O5'" "C5'"  sing N N 92  
DC  "C5'" "C4'"  sing N N 93  
DC  "C5'" "H5'"  sing N N 94  
DC  "C5'" "H5''" sing N N 95  
DC  "C4'" "O4'"  sing N N 96  
DC  "C4'" "C3'"  sing N N 97  
DC  "C4'" "H4'"  sing N N 98  
DC  "O4'" "C1'"  sing N N 99  
DC  "C3'" "O3'"  sing N N 100 
DC  "C3'" "C2'"  sing N N 101 
DC  "C3'" "H3'"  sing N N 102 
DC  "O3'" "HO3'" sing N N 103 
DC  "C2'" "C1'"  sing N N 104 
DC  "C2'" "H2'"  sing N N 105 
DC  "C2'" "H2''" sing N N 106 
DC  "C1'" N1     sing N N 107 
DC  "C1'" "H1'"  sing N N 108 
DC  N1    C2     sing N N 109 
DC  N1    C6     sing N N 110 
DC  C2    O2     doub N N 111 
DC  C2    N3     sing N N 112 
DC  N3    C4     doub N N 113 
DC  C4    N4     sing N N 114 
DC  C4    C5     sing N N 115 
DC  N4    H41    sing N N 116 
DC  N4    H42    sing N N 117 
DC  C5    C6     doub N N 118 
DC  C5    H5     sing N N 119 
DC  C6    H6     sing N N 120 
DG  OP3   P      sing N N 121 
DG  OP3   HOP3   sing N N 122 
DG  P     OP1    doub N N 123 
DG  P     OP2    sing N N 124 
DG  P     "O5'"  sing N N 125 
DG  OP2   HOP2   sing N N 126 
DG  "O5'" "C5'"  sing N N 127 
DG  "C5'" "C4'"  sing N N 128 
DG  "C5'" "H5'"  sing N N 129 
DG  "C5'" "H5''" sing N N 130 
DG  "C4'" "O4'"  sing N N 131 
DG  "C4'" "C3'"  sing N N 132 
DG  "C4'" "H4'"  sing N N 133 
DG  "O4'" "C1'"  sing N N 134 
DG  "C3'" "O3'"  sing N N 135 
DG  "C3'" "C2'"  sing N N 136 
DG  "C3'" "H3'"  sing N N 137 
DG  "O3'" "HO3'" sing N N 138 
DG  "C2'" "C1'"  sing N N 139 
DG  "C2'" "H2'"  sing N N 140 
DG  "C2'" "H2''" sing N N 141 
DG  "C1'" N9     sing N N 142 
DG  "C1'" "H1'"  sing N N 143 
DG  N9    C8     sing Y N 144 
DG  N9    C4     sing Y N 145 
DG  C8    N7     doub Y N 146 
DG  C8    H8     sing N N 147 
DG  N7    C5     sing Y N 148 
DG  C5    C6     sing N N 149 
DG  C5    C4     doub Y N 150 
DG  C6    O6     doub N N 151 
DG  C6    N1     sing N N 152 
DG  N1    C2     sing N N 153 
DG  N1    H1     sing N N 154 
DG  C2    N2     sing N N 155 
DG  C2    N3     doub N N 156 
DG  N2    H21    sing N N 157 
DG  N2    H22    sing N N 158 
DG  N3    C4     sing N N 159 
DT  OP3   P      sing N N 160 
DT  OP3   HOP3   sing N N 161 
DT  P     OP1    doub N N 162 
DT  P     OP2    sing N N 163 
DT  P     "O5'"  sing N N 164 
DT  OP2   HOP2   sing N N 165 
DT  "O5'" "C5'"  sing N N 166 
DT  "C5'" "C4'"  sing N N 167 
DT  "C5'" "H5'"  sing N N 168 
DT  "C5'" "H5''" sing N N 169 
DT  "C4'" "O4'"  sing N N 170 
DT  "C4'" "C3'"  sing N N 171 
DT  "C4'" "H4'"  sing N N 172 
DT  "O4'" "C1'"  sing N N 173 
DT  "C3'" "O3'"  sing N N 174 
DT  "C3'" "C2'"  sing N N 175 
DT  "C3'" "H3'"  sing N N 176 
DT  "O3'" "HO3'" sing N N 177 
DT  "C2'" "C1'"  sing N N 178 
DT  "C2'" "H2'"  sing N N 179 
DT  "C2'" "H2''" sing N N 180 
DT  "C1'" N1     sing N N 181 
DT  "C1'" "H1'"  sing N N 182 
DT  N1    C2     sing N N 183 
DT  N1    C6     sing N N 184 
DT  C2    O2     doub N N 185 
DT  C2    N3     sing N N 186 
DT  N3    C4     sing N N 187 
DT  N3    H3     sing N N 188 
DT  C4    O4     doub N N 189 
DT  C4    C5     sing N N 190 
DT  C5    C7     sing N N 191 
DT  C5    C6     doub N N 192 
DT  C7    H71    sing N N 193 
DT  C7    H72    sing N N 194 
DT  C7    H73    sing N N 195 
DT  C6    H6     sing N N 196 
HOH O     H1     sing N N 197 
HOH O     H2     sing N N 198 
# 
_ndb_struct_conf_na.entry_id   3U08 
_ndb_struct_conf_na.feature    'b-form double helix' 
# 
loop_
_ndb_struct_na_base_pair.model_number 
_ndb_struct_na_base_pair.i_label_asym_id 
_ndb_struct_na_base_pair.i_label_comp_id 
_ndb_struct_na_base_pair.i_label_seq_id 
_ndb_struct_na_base_pair.i_symmetry 
_ndb_struct_na_base_pair.j_label_asym_id 
_ndb_struct_na_base_pair.j_label_comp_id 
_ndb_struct_na_base_pair.j_label_seq_id 
_ndb_struct_na_base_pair.j_symmetry 
_ndb_struct_na_base_pair.shear 
_ndb_struct_na_base_pair.stretch 
_ndb_struct_na_base_pair.stagger 
_ndb_struct_na_base_pair.buckle 
_ndb_struct_na_base_pair.propeller 
_ndb_struct_na_base_pair.opening 
_ndb_struct_na_base_pair.pair_number 
_ndb_struct_na_base_pair.pair_name 
_ndb_struct_na_base_pair.i_auth_asym_id 
_ndb_struct_na_base_pair.i_auth_seq_id 
_ndb_struct_na_base_pair.i_PDB_ins_code 
_ndb_struct_na_base_pair.j_auth_asym_id 
_ndb_struct_na_base_pair.j_auth_seq_id 
_ndb_struct_na_base_pair.j_PDB_ins_code 
_ndb_struct_na_base_pair.hbond_type_28 
_ndb_struct_na_base_pair.hbond_type_12 
1 A DC 1  1_555 B DG 12 1_555 0.219  -0.160 0.081  2.434  -17.472 1.279  1  A_DC1:DG24_B  A 1  ? B 24 ? 19 1 
1 A DG 2  1_555 B DC 11 1_555 -0.170 -0.155 0.222  2.626  -5.563  -3.043 2  A_DG2:DC23_B  A 2  ? B 23 ? 19 1 
1 A DC 3  1_555 B DG 10 1_555 0.226  -0.152 0.164  -1.597 -6.633  0.280  3  A_DC3:DG22_B  A 3  ? B 22 ? 19 1 
1 A DG 4  1_555 B DC 9  1_555 -0.251 -0.114 0.021  11.881 -10.271 -0.710 4  A_DG4:DC21_B  A 4  ? B 21 ? 19 1 
1 A DA 5  1_555 B DT 8  1_555 0.051  -0.096 -0.095 7.264  -16.399 1.180  5  A_DA5:DT20_B  A 5  ? B 20 ? 20 1 
1 A DA 6  1_555 B DT 7  1_555 0.089  -0.107 -0.038 1.595  -19.827 7.709  6  A_DA6:DT19_B  A 6  ? B 19 ? 20 1 
1 A DT 7  1_555 B DA 6  1_555 -0.142 -0.123 0.054  -2.046 -19.271 6.281  7  A_DT7:DA18_B  A 7  ? B 18 ? 20 1 
1 A DT 8  1_555 B DA 5  1_555 -0.039 -0.186 -0.100 -4.942 -15.362 2.053  8  A_DT8:DA17_B  A 8  ? B 17 ? 20 1 
1 A DC 9  1_555 B DG 4  1_555 0.182  -0.186 -0.044 -9.545 -10.408 -0.368 9  A_DC9:DG16_B  A 9  ? B 16 ? 19 1 
1 A DG 10 1_555 B DC 3  1_555 -0.167 -0.152 0.216  10.359 -2.574  0.938  10 A_DG10:DC15_B A 10 ? B 15 ? 19 1 
1 A DC 11 1_555 B DG 2  1_555 0.148  -0.239 0.401  5.316  -25.013 -3.264 11 A_DC11:DG14_B A 11 ? B 14 ? 19 1 
1 A DG 12 1_555 B DC 1  1_555 -0.347 -0.139 -0.174 7.708  18.210  -2.521 12 A_DG12:DC13_B A 12 ? B 13 ? 19 1 
# 
loop_
_ndb_struct_na_base_pair_step.model_number 
_ndb_struct_na_base_pair_step.i_label_asym_id_1 
_ndb_struct_na_base_pair_step.i_label_comp_id_1 
_ndb_struct_na_base_pair_step.i_label_seq_id_1 
_ndb_struct_na_base_pair_step.i_symmetry_1 
_ndb_struct_na_base_pair_step.j_label_asym_id_1 
_ndb_struct_na_base_pair_step.j_label_comp_id_1 
_ndb_struct_na_base_pair_step.j_label_seq_id_1 
_ndb_struct_na_base_pair_step.j_symmetry_1 
_ndb_struct_na_base_pair_step.i_label_asym_id_2 
_ndb_struct_na_base_pair_step.i_label_comp_id_2 
_ndb_struct_na_base_pair_step.i_label_seq_id_2 
_ndb_struct_na_base_pair_step.i_symmetry_2 
_ndb_struct_na_base_pair_step.j_label_asym_id_2 
_ndb_struct_na_base_pair_step.j_label_comp_id_2 
_ndb_struct_na_base_pair_step.j_label_seq_id_2 
_ndb_struct_na_base_pair_step.j_symmetry_2 
_ndb_struct_na_base_pair_step.shift 
_ndb_struct_na_base_pair_step.slide 
_ndb_struct_na_base_pair_step.rise 
_ndb_struct_na_base_pair_step.tilt 
_ndb_struct_na_base_pair_step.roll 
_ndb_struct_na_base_pair_step.twist 
_ndb_struct_na_base_pair_step.x_displacement 
_ndb_struct_na_base_pair_step.y_displacement 
_ndb_struct_na_base_pair_step.helical_rise 
_ndb_struct_na_base_pair_step.inclination 
_ndb_struct_na_base_pair_step.tip 
_ndb_struct_na_base_pair_step.helical_twist 
_ndb_struct_na_base_pair_step.step_number 
_ndb_struct_na_base_pair_step.step_name 
_ndb_struct_na_base_pair_step.i_auth_asym_id_1 
_ndb_struct_na_base_pair_step.i_auth_seq_id_1 
_ndb_struct_na_base_pair_step.i_PDB_ins_code_1 
_ndb_struct_na_base_pair_step.j_auth_asym_id_1 
_ndb_struct_na_base_pair_step.j_auth_seq_id_1 
_ndb_struct_na_base_pair_step.j_PDB_ins_code_1 
_ndb_struct_na_base_pair_step.i_auth_asym_id_2 
_ndb_struct_na_base_pair_step.i_auth_seq_id_2 
_ndb_struct_na_base_pair_step.i_PDB_ins_code_2 
_ndb_struct_na_base_pair_step.j_auth_asym_id_2 
_ndb_struct_na_base_pair_step.j_auth_seq_id_2 
_ndb_struct_na_base_pair_step.j_PDB_ins_code_2 
1 A DC 1  1_555 B DG 12 1_555 A DG 2  1_555 B DC 11 1_555 -0.453 0.128  3.300 -1.453 6.692   33.354 -0.866 0.539  3.280 11.509  
2.499  34.031 1  AA_DC1DG2:DC23DG24_BB   A 1  ? B 24 ? A 2  ? B 23 ? 
1 A DG 2  1_555 B DC 11 1_555 A DC 3  1_555 B DG 10 1_555 0.766  0.622  3.430 1.481  -3.004  41.654 1.201  -0.911 3.403 -4.216  
-2.079 41.782 2  AA_DG2DC3:DG22DC23_BB   A 2  ? B 23 ? A 3  ? B 22 ? 
1 A DC 3  1_555 B DG 10 1_555 A DG 4  1_555 B DC 9  1_555 -0.436 0.704  3.116 2.587  9.092   27.396 -0.567 1.435  3.131 18.512  
-5.268 28.952 3  AA_DC3DG4:DC21DG22_BB   A 3  ? B 22 ? A 4  ? B 21 ? 
1 A DG 4  1_555 B DC 9  1_555 A DA 5  1_555 B DT 8  1_555 0.068  0.115  3.381 1.091  2.849   38.351 -0.191 0.037  3.381 4.328   
-1.658 38.467 4  AA_DG4DA5:DT20DC21_BB   A 4  ? B 21 ? A 5  ? B 20 ? 
1 A DA 5  1_555 B DT 8  1_555 A DA 6  1_555 B DT 7  1_555 0.460  -0.269 3.331 -0.164 4.243   35.776 -1.045 -0.767 3.276 6.876   
0.266  36.019 5  AA_DA5DA6:DT19DT20_BB   A 5  ? B 20 ? A 6  ? B 19 ? 
1 A DA 6  1_555 B DT 7  1_555 A DT 7  1_555 B DA 6  1_555 -0.019 -0.638 3.282 -0.488 0.693   30.138 -1.367 -0.064 3.267 1.333   
0.939  30.149 6  AA_DA6DT7:DA18DT19_BB   A 6  ? B 19 ? A 7  ? B 18 ? 
1 A DT 7  1_555 B DA 6  1_555 A DT 8  1_555 B DA 5  1_555 -0.421 -0.233 3.298 1.981  1.022   36.158 -0.518 0.956  3.264 1.644   
-3.188 36.225 7  AA_DT7DT8:DA17DA18_BB   A 7  ? B 18 ? A 8  ? B 17 ? 
1 A DT 8  1_555 B DA 5  1_555 A DC 9  1_555 B DG 4  1_555 0.057  0.307  3.390 0.735  -0.806  40.244 0.540  0.003  3.384 -1.170  
-1.067 40.258 8  AA_DT8DC9:DG16DA17_BB   A 8  ? B 17 ? A 9  ? B 16 ? 
1 A DC 9  1_555 B DG 4  1_555 A DG 10 1_555 B DC 3  1_555 0.345  1.203  3.027 -3.029 6.827   26.681 0.916  -1.429 3.173 14.438  
6.406  27.688 9  AA_DC9DG10:DC15DG16_BB  A 9  ? B 16 ? A 10 ? B 15 ? 
1 A DG 10 1_555 B DC 3  1_555 A DC 11 1_555 B DG 2  1_555 -1.006 0.947  3.589 -3.026 -14.954 44.548 2.506  0.995  3.189 -19.075 
3.860  46.962 10 AA_DG10DC11:DG14DC15_BB A 10 ? B 15 ? A 11 ? B 14 ? 
1 A DC 11 1_555 B DG 2  1_555 A DG 12 1_555 B DC 1  1_555 1.518  0.698  3.500 5.491  -9.764  34.276 2.628  -1.614 3.377 -16.045 
-9.023 36.008 11 AA_DC11DG12:DC13DG14_BB A 11 ? B 14 ? A 12 ? B 13 ? 
# 
_atom_sites.entry_id                    3U08 
_atom_sites.fract_transf_matrix[1][1]   0.01113401 
_atom_sites.fract_transf_matrix[1][2]   0.03806230 
_atom_sites.fract_transf_matrix[1][3]   -0.01238072 
_atom_sites.fract_transf_matrix[2][1]   0.00670805 
_atom_sites.fract_transf_matrix[2][2]   -0.00925021 
_atom_sites.fract_transf_matrix[2][3]   -0.02240555 
_atom_sites.fract_transf_matrix[3][1]   -0.01409108 
_atom_sites.fract_transf_matrix[3][2]   0.00242413 
_atom_sites.fract_transf_matrix[3][3]   -0.00521957 
_atom_sites.fract_transf_vector[1]      0.564795 
_atom_sites.fract_transf_vector[2]      0.514572 
_atom_sites.fract_transf_vector[3]      0.138775 
# 
loop_
_atom_type.symbol 
C  
MG 
N  
O  
P  
# 
loop_
_atom_site.group_PDB 
_atom_site.id 
_atom_site.type_symbol 
_atom_site.label_atom_id 
_atom_site.label_alt_id 
_atom_site.label_comp_id 
_atom_site.label_asym_id 
_atom_site.label_entity_id 
_atom_site.label_seq_id 
_atom_site.pdbx_PDB_ins_code 
_atom_site.Cartn_x 
_atom_site.Cartn_y 
_atom_site.Cartn_z 
_atom_site.occupancy 
_atom_site.B_iso_or_equiv 
_atom_site.pdbx_formal_charge 
_atom_site.auth_seq_id 
_atom_site.auth_comp_id 
_atom_site.auth_asym_id 
_atom_site.auth_atom_id 
_atom_site.pdbx_PDB_model_num 
ATOM   1   O  "O5'" . DC  A 1 1  ? -8.468  2.724   -18.892 1.00 18.04 ? 1   DC  A "O5'" 1 
ATOM   2   C  "C5'" . DC  A 1 1  ? -9.394  2.515   -17.840 1.00 15.64 ? 1   DC  A "C5'" 1 
ATOM   3   C  "C4'" . DC  A 1 1  ? -9.498  3.773   -16.999 1.00 14.09 ? 1   DC  A "C4'" 1 
ATOM   4   O  "O4'" . DC  A 1 1  ? -10.499 3.616   -15.975 1.00 12.61 ? 1   DC  A "O4'" 1 
ATOM   5   C  "C3'" . DC  A 1 1  ? -8.227  4.165   -16.264 1.00 14.06 ? 1   DC  A "C3'" 1 
ATOM   6   O  "O3'" . DC  A 1 1  ? -8.149  5.582   -16.296 1.00 15.05 ? 1   DC  A "O3'" 1 
ATOM   7   C  "C2'" . DC  A 1 1  ? -8.441  3.605   -14.856 1.00 13.00 ? 1   DC  A "C2'" 1 
ATOM   8   C  "C1'" . DC  A 1 1  ? -9.934  3.827   -14.695 1.00 12.40 ? 1   DC  A "C1'" 1 
ATOM   9   N  N1    . DC  A 1 1  ? -10.674 2.937   -13.776 1.00 12.90 ? 1   DC  A N1    1 
ATOM   10  C  C2    . DC  A 1 1  ? -11.647 3.512   -12.949 1.00 13.99 ? 1   DC  A C2    1 
ATOM   11  O  O2    . DC  A 1 1  ? -11.806 4.739   -12.977 1.00 14.89 ? 1   DC  A O2    1 
ATOM   12  N  N3    . DC  A 1 1  ? -12.380 2.716   -12.141 1.00 13.15 ? 1   DC  A N3    1 
ATOM   13  C  C4    . DC  A 1 1  ? -12.182 1.388   -12.148 1.00 12.54 ? 1   DC  A C4    1 
ATOM   14  N  N4    . DC  A 1 1  ? -12.936 0.646   -11.336 1.00 12.89 ? 1   DC  A N4    1 
ATOM   15  C  C5    . DC  A 1 1  ? -11.205 0.783   -12.997 1.00 12.11 ? 1   DC  A C5    1 
ATOM   16  C  C6    . DC  A 1 1  ? -10.491 1.580   -13.797 1.00 13.27 ? 1   DC  A C6    1 
ATOM   17  P  P     . DG  A 1 2  ? -6.856  6.364   -15.816 1.00 16.34 ? 2   DG  A P     1 
ATOM   18  O  OP1   . DG  A 1 2  ? -6.733  7.575   -16.651 1.00 18.75 ? 2   DG  A OP1   1 
ATOM   19  O  OP2   . DG  A 1 2  ? -5.739  5.427   -15.711 1.00 15.97 ? 2   DG  A OP2   1 
ATOM   20  O  "O5'" . DG  A 1 2  ? -7.251  6.801   -14.340 1.00 14.85 ? 2   DG  A "O5'" 1 
ATOM   21  C  "C5'" . DG  A 1 2  ? -8.159  7.875   -14.134 1.00 13.78 ? 2   DG  A "C5'" 1 
ATOM   22  C  "C4'" . DG  A 1 2  ? -8.068  8.339   -12.700 1.00 13.14 ? 2   DG  A "C4'" 1 
ATOM   23  O  "O4'" . DG  A 1 2  ? -8.794  7.417   -11.849 1.00 12.32 ? 2   DG  A "O4'" 1 
ATOM   24  C  "C3'" . DG  A 1 2  ? -6.670  8.421   -12.114 1.00 12.98 ? 2   DG  A "C3'" 1 
ATOM   25  O  "O3'" . DG  A 1 2  ? -6.623  9.588   -11.295 1.00 12.77 ? 2   DG  A "O3'" 1 
ATOM   26  C  "C2'" . DG  A 1 2  ? -6.548  7.136   -11.286 1.00 11.99 ? 2   DG  A "C2'" 1 
ATOM   27  C  "C1'" . DG  A 1 2  ? -7.975  6.941   -10.807 1.00 10.54 ? 2   DG  A "C1'" 1 
ATOM   28  N  N9    . DG  A 1 2  ? -8.406  5.562   -10.591 1.00 9.34  ? 2   DG  A N9    1 
ATOM   29  C  C8    . DG  A 1 2  ? -7.961  4.409   -11.207 1.00 10.29 ? 2   DG  A C8    1 
ATOM   30  N  N7    . DG  A 1 2  ? -8.620  3.342   -10.801 1.00 9.34  ? 2   DG  A N7    1 
ATOM   31  C  C5    . DG  A 1 2  ? -9.557  3.828   -9.905  1.00 8.50  ? 2   DG  A C5    1 
ATOM   32  C  C6    . DG  A 1 2  ? -10.543 3.157   -9.141  1.00 9.11  ? 2   DG  A C6    1 
ATOM   33  O  O6    . DG  A 1 2  ? -10.806 1.944   -9.108  1.00 9.49  ? 2   DG  A O6    1 
ATOM   34  N  N1    . DG  A 1 2  ? -11.272 4.031   -8.335  1.00 8.91  ? 2   DG  A N1    1 
ATOM   35  C  C2    . DG  A 1 2  ? -11.075 5.395   -8.269  1.00 8.41  ? 2   DG  A C2    1 
ATOM   36  N  N2    . DG  A 1 2  ? -11.869 6.072   -7.442  1.00 9.23  ? 2   DG  A N2    1 
ATOM   37  N  N3    . DG  A 1 2  ? -10.161 6.038   -8.975  1.00 8.82  ? 2   DG  A N3    1 
ATOM   38  C  C4    . DG  A 1 2  ? -9.429  5.192   -9.752  1.00 8.81  ? 2   DG  A C4    1 
ATOM   39  P  P     . DC  A 1 3  ? -5.270  10.186  -10.710 1.00 14.26 ? 3   DC  A P     1 
ATOM   40  O  OP1   . DC  A 1 3  ? -5.213  11.616  -11.115 1.00 16.39 ? 3   DC  A OP1   1 
ATOM   41  O  OP2   . DC  A 1 3  ? -4.152  9.310   -11.039 1.00 16.04 ? 3   DC  A OP2   1 
ATOM   42  O  "O5'" . DC  A 1 3  ? -5.485  10.050  -9.135  1.00 14.04 ? 3   DC  A "O5'" 1 
ATOM   43  C  "C5'" . DC  A 1 3  ? -6.428  10.882  -8.505  1.00 13.57 ? 3   DC  A "C5'" 1 
ATOM   44  C  "C4'" . DC  A 1 3  ? -7.029  10.200  -7.306  1.00 12.38 ? 3   DC  A "C4'" 1 
ATOM   45  O  "O4'" . DC  A 1 3  ? -7.540  8.924   -7.698  1.00 12.21 ? 3   DC  A "O4'" 1 
ATOM   46  C  "C3'" . DC  A 1 3  ? -6.057  9.893   -6.196  1.00 13.78 ? 3   DC  A "C3'" 1 
ATOM   47  O  "O3'" . DC  A 1 3  ? -5.973  11.040  -5.402  1.00 14.94 ? 3   DC  A "O3'" 1 
ATOM   48  C  "C2'" . DC  A 1 3  ? -6.752  8.760   -5.449  1.00 15.72 ? 3   DC  A "C2'" 1 
ATOM   49  C  "C1'" . DC  A 1 3  ? -7.626  8.132   -6.527  1.00 11.99 ? 3   DC  A "C1'" 1 
ATOM   50  N  N1    . DC  A 1 3  ? -7.277  6.738   -6.903  1.00 9.69  ? 3   DC  A N1    1 
ATOM   51  C  C2    . DC  A 1 3  ? -8.074  5.678   -6.428  1.00 9.37  ? 3   DC  A C2    1 
ATOM   52  O  O2    . DC  A 1 3  ? -8.965  5.937   -5.636  1.00 9.57  ? 3   DC  A O2    1 
ATOM   53  N  N3    . DC  A 1 3  ? -7.780  4.406   -6.824  1.00 9.15  ? 3   DC  A N3    1 
ATOM   54  C  C4    . DC  A 1 3  ? -6.762  4.183   -7.655  1.00 8.67  ? 3   DC  A C4    1 
ATOM   55  N  N4    . DC  A 1 3  ? -6.500  2.935   -8.036  1.00 10.73 ? 3   DC  A N4    1 
ATOM   56  C  C5    . DC  A 1 3  ? -5.941  5.258   -8.148  1.00 10.67 ? 3   DC  A C5    1 
ATOM   57  C  C6    . DC  A 1 3  ? -6.249  6.503   -7.758  1.00 10.38 ? 3   DC  A C6    1 
ATOM   58  P  P     . DG  A 1 4  ? -4.945  11.149  -4.185  1.00 17.19 ? 4   DG  A P     1 
ATOM   59  O  OP1   . DG  A 1 4  ? -4.752  12.595  -3.895  1.00 19.51 ? 4   DG  A OP1   1 
ATOM   60  O  OP2   . DG  A 1 4  ? -3.784  10.342  -4.490  1.00 17.63 ? 4   DG  A OP2   1 
ATOM   61  O  "O5'" . DG  A 1 4  ? -5.719  10.473  -2.964  1.00 15.15 ? 4   DG  A "O5'" 1 
ATOM   62  C  "C5'" . DG  A 1 4  ? -6.987  10.959  -2.596  1.00 16.54 ? 4   DG  A "C5'" 1 
ATOM   63  C  "C4'" . DG  A 1 4  ? -7.575  10.099  -1.499  1.00 15.81 ? 4   DG  A "C4'" 1 
ATOM   64  O  "O4'" . DG  A 1 4  ? -7.750  8.727   -1.962  1.00 14.15 ? 4   DG  A "O4'" 1 
ATOM   65  C  "C3'" . DG  A 1 4  ? -6.712  10.003  -0.253  1.00 18.19 ? 4   DG  A "C3'" 1 
ATOM   66  O  "O3'" . DG  A 1 4  ? -7.586  9.952   0.867   1.00 19.27 ? 4   DG  A "O3'" 1 
ATOM   67  C  "C2'" . DG  A 1 4  ? -5.902  8.712   -0.469  1.00 16.97 ? 4   DG  A "C2'" 1 
ATOM   68  C  "C1'" . DG  A 1 4  ? -6.888  7.843   -1.243  1.00 13.92 ? 4   DG  A "C1'" 1 
ATOM   69  N  N9    . DG  A 1 4  ? -6.286  6.928   -2.214  1.00 13.19 ? 4   DG  A N9    1 
ATOM   70  C  C8    . DG  A 1 4  ? -5.235  7.172   -3.056  1.00 13.94 ? 4   DG  A C8    1 
ATOM   71  N  N7    . DG  A 1 4  ? -4.927  6.171   -3.827  1.00 14.09 ? 4   DG  A N7    1 
ATOM   72  C  C5    . DG  A 1 4  ? -5.842  5.175   -3.468  1.00 10.22 ? 4   DG  A C5    1 
ATOM   73  C  C6    . DG  A 1 4  ? -5.987  3.853   -3.959  1.00 9.81  ? 4   DG  A C6    1 
ATOM   74  O  O6    . DG  A 1 4  ? -5.348  3.287   -4.837  1.00 10.15 ? 4   DG  A O6    1 
ATOM   75  N  N1    . DG  A 1 4  ? -7.012  3.186   -3.307  1.00 10.45 ? 4   DG  A N1    1 
ATOM   76  C  C2    . DG  A 1 4  ? -7.811  3.719   -2.319  1.00 9.74  ? 4   DG  A C2    1 
ATOM   77  N  N2    . DG  A 1 4  ? -8.765  2.922   -1.820  1.00 10.84 ? 4   DG  A N2    1 
ATOM   78  N  N3    . DG  A 1 4  ? -7.694  4.964   -1.867  1.00 11.26 ? 4   DG  A N3    1 
ATOM   79  C  C4    . DG  A 1 4  ? -6.678  5.620   -2.470  1.00 11.58 ? 4   DG  A C4    1 
ATOM   80  P  P     . DA  A 1 5  ? -7.035  9.807   2.369   1.00 22.31 ? 5   DA  A P     1 
ATOM   81  O  OP1   . DA  A 1 5  ? -7.925  10.595  3.238   1.00 24.41 ? 5   DA  A OP1   1 
ATOM   82  O  OP2   . DA  A 1 5  ? -5.584  10.025  2.381   1.00 23.13 ? 5   DA  A OP2   1 
ATOM   83  O  "O5'" . DA  A 1 5  ? -7.277  8.261   2.697   1.00 18.45 ? 5   DA  A "O5'" 1 
ATOM   84  C  "C5'" . DA  A 1 5  ? -8.557  7.715   2.670   1.00 15.89 ? 5   DA  A "C5'" 1 
ATOM   85  C  "C4'" . DA  A 1 5  ? -8.455  6.242   2.987   1.00 12.95 ? 5   DA  A "C4'" 1 
ATOM   86  O  "O4'" . DA  A 1 5  ? -7.774  5.555   1.915   1.00 13.19 ? 5   DA  A "O4'" 1 
ATOM   87  C  "C3'" . DA  A 1 5  ? -7.693  5.892   4.274   1.00 12.58 ? 5   DA  A "C3'" 1 
ATOM   88  O  "O3'" . DA  A 1 5  ? -8.487  4.930   4.952   1.00 11.62 ? 5   DA  A "O3'" 1 
ATOM   89  C  "C2'" . DA  A 1 5  ? -6.361  5.322   3.769   1.00 12.86 ? 5   DA  A "C2'" 1 
ATOM   90  C  "C1'" . DA  A 1 5  ? -6.774  4.700   2.446   1.00 11.19 ? 5   DA  A "C1'" 1 
ATOM   91  N  N9    . DA  A 1 5  ? -5.743  4.633   1.421   1.00 9.68  ? 5   DA  A N9    1 
ATOM   92  C  C8    . DA  A 1 5  ? -4.888  5.637   1.058   1.00 11.12 ? 5   DA  A C8    1 
ATOM   93  N  N7    . DA  A 1 5  ? -4.109  5.326   0.048   1.00 11.42 ? 5   DA  A N7    1 
ATOM   94  C  C5    . DA  A 1 5  ? -4.490  4.041   -0.289  1.00 9.67  ? 5   DA  A C5    1 
ATOM   95  C  C6    . DA  A 1 5  ? -4.043  3.140   -1.275  1.00 9.29  ? 5   DA  A C6    1 
ATOM   96  N  N6    . DA  A 1 5  ? -3.074  3.418   -2.148  1.00 11.24 ? 5   DA  A N6    1 
ATOM   97  N  N1    . DA  A 1 5  ? -4.642  1.924   -1.330  1.00 10.03 ? 5   DA  A N1    1 
ATOM   98  C  C2    . DA  A 1 5  ? -5.626  1.642   -0.468  1.00 10.25 ? 5   DA  A C2    1 
ATOM   99  N  N3    . DA  A 1 5  ? -6.126  2.402   0.499   1.00 10.13 ? 5   DA  A N3    1 
ATOM   100 C  C4    . DA  A 1 5  ? -5.521  3.610   0.533   1.00 9.25  ? 5   DA  A C4    1 
ATOM   101 P  P     . DA  A 1 6  ? -8.058  4.131   6.285   1.00 12.26 ? 6   DA  A P     1 
ATOM   102 O  OP1   . DA  A 1 6  ? -9.342  3.756   6.953   1.00 12.72 ? 6   DA  A OP1   1 
ATOM   103 O  OP2   . DA  A 1 6  ? -7.039  4.868   7.021   1.00 12.05 ? 6   DA  A OP2   1 
ATOM   104 O  "O5'" . DA  A 1 6  ? -7.335  2.839   5.711   1.00 10.93 ? 6   DA  A "O5'" 1 
ATOM   105 C  "C5'" . DA  A 1 6  ? -8.089  1.836   5.073   1.00 11.03 ? 6   DA  A "C5'" 1 
ATOM   106 C  "C4'" . DA  A 1 6  ? -7.204  0.671   4.736   1.00 11.22 ? 6   DA  A "C4'" 1 
ATOM   107 O  "O4'" . DA  A 1 6  ? -6.284  1.076   3.712   1.00 12.17 ? 6   DA  A "O4'" 1 
ATOM   108 C  "C3'" . DA  A 1 6  ? -6.350  0.189   5.907   1.00 10.82 ? 6   DA  A "C3'" 1 
ATOM   109 O  "O3'" . DA  A 1 6  ? -6.680  -1.185  6.118   1.00 11.21 ? 6   DA  A "O3'" 1 
ATOM   110 C  "C2'" . DA  A 1 6  ? -4.897  0.438   5.469   1.00 11.00 ? 6   DA  A "C2'" 1 
ATOM   111 C  "C1'" . DA  A 1 6  ? -5.017  0.492   3.957   1.00 9.94  ? 6   DA  A "C1'" 1 
ATOM   112 N  N9    . DA  A 1 6  ? -4.039  1.343   3.296   1.00 9.66  ? 6   DA  A N9    1 
ATOM   113 C  C8    . DA  A 1 6  ? -3.707  2.627   3.620   1.00 9.88  ? 6   DA  A C8    1 
ATOM   114 N  N7    . DA  A 1 6  ? -2.827  3.168   2.811   1.00 10.58 ? 6   DA  A N7    1 
ATOM   115 C  C5    . DA  A 1 6  ? -2.557  2.171   1.891   1.00 9.23  ? 6   DA  A C5    1 
ATOM   116 C  C6    . DA  A 1 6  ? -1.687  2.092   0.770   1.00 9.66  ? 6   DA  A C6    1 
ATOM   117 N  N6    . DA  A 1 6  ? -0.924  3.110   0.364   1.00 11.27 ? 6   DA  A N6    1 
ATOM   118 N  N1    . DA  A 1 6  ? -1.677  0.935   0.071   1.00 10.14 ? 6   DA  A N1    1 
ATOM   119 C  C2    . DA  A 1 6  ? -2.466  -0.081  0.452   1.00 10.04 ? 6   DA  A C2    1 
ATOM   120 N  N3    . DA  A 1 6  ? -3.310  -0.125  1.486   1.00 10.29 ? 6   DA  A N3    1 
ATOM   121 C  C4    . DA  A 1 6  ? -3.305  1.034   2.174   1.00 10.58 ? 6   DA  A C4    1 
ATOM   122 P  P     . DT  A 1 7  ? -5.964  -2.101  7.218   1.00 10.92 ? 7   DT  A P     1 
ATOM   123 O  OP1   . DT  A 1 7  ? -6.946  -3.148  7.599   1.00 11.77 ? 7   DT  A OP1   1 
ATOM   124 O  OP2   . DT  A 1 7  ? -5.365  -1.274  8.267   1.00 11.65 ? 7   DT  A OP2   1 
ATOM   125 O  "O5'" . DT  A 1 7  ? -4.778  -2.744  6.403   1.00 10.44 ? 7   DT  A "O5'" 1 
ATOM   126 C  "C5'" . DT  A 1 7  ? -5.078  -3.492  5.257   1.00 11.43 ? 7   DT  A "C5'" 1 
ATOM   127 C  "C4'" . DT  A 1 7  ? -3.806  -3.821  4.520   1.00 12.40 ? 7   DT  A "C4'" 1 
ATOM   128 O  "O4'" . DT  A 1 7  ? -3.181  -2.610  4.085   1.00 11.43 ? 7   DT  A "O4'" 1 
ATOM   129 C  "C3'" . DT  A 1 7  ? -2.764  -4.540  5.371   1.00 12.35 ? 7   DT  A "C3'" 1 
ATOM   130 O  "O3'" . DT  A 1 7  ? -2.724  -5.881  4.904   1.00 13.01 ? 7   DT  A "O3'" 1 
ATOM   131 C  "C2'" . DT  A 1 7  ? -1.462  -3.747  5.162   1.00 12.87 ? 7   DT  A "C2'" 1 
ATOM   132 C  "C1'" . DT  A 1 7  ? -1.799  -2.883  3.962   1.00 11.98 ? 7   DT  A "C1'" 1 
ATOM   133 N  N1    . DT  A 1 7  ? -1.081  -1.588  3.838   1.00 11.40 ? 7   DT  A N1    1 
ATOM   134 C  C2    . DT  A 1 7  ? -0.236  -1.393  2.756   1.00 10.57 ? 7   DT  A C2    1 
ATOM   135 O  O2    . DT  A 1 7  ? -0.001  -2.243  1.914   1.00 12.84 ? 7   DT  A O2    1 
ATOM   136 N  N3    . DT  A 1 7  ? 0.345   -0.175  2.698   1.00 10.41 ? 7   DT  A N3    1 
ATOM   137 C  C4    . DT  A 1 7  ? 0.174   0.879   3.560   1.00 9.87  ? 7   DT  A C4    1 
ATOM   138 O  O4    . DT  A 1 7  ? 0.750   1.939   3.364   1.00 11.10 ? 7   DT  A O4    1 
ATOM   139 C  C5    . DT  A 1 7  ? -0.721  0.636   4.678   1.00 9.94  ? 7   DT  A C5    1 
ATOM   140 C  C7    . DT  A 1 7  ? -0.964  1.704   5.707   1.00 11.59 ? 7   DT  A C7    1 
ATOM   141 C  C6    . DT  A 1 7  ? -1.296  -0.572  4.760   1.00 9.80  ? 7   DT  A C6    1 
ATOM   142 P  P     . DT  A 1 8  ? -1.896  -7.043  5.616   1.00 14.03 ? 8   DT  A P     1 
ATOM   143 O  OP1   . DT  A 1 8  ? -2.557  -8.324  5.275   1.00 16.75 ? 8   DT  A OP1   1 
ATOM   144 O  OP2   . DT  A 1 8  ? -1.655  -6.686  7.022   1.00 15.04 ? 8   DT  A OP2   1 
ATOM   145 O  "O5'" . DT  A 1 8  ? -0.493  -6.955  4.874   1.00 12.68 ? 8   DT  A "O5'" 1 
ATOM   146 C  "C5'" . DT  A 1 8  ? -0.442  -7.314  3.506   1.00 14.45 ? 8   DT  A "C5'" 1 
ATOM   147 C  "C4'" . DT  A 1 8  ? 0.923   -7.025  2.946   1.00 14.78 ? 8   DT  A "C4'" 1 
ATOM   148 O  "O4'" . DT  A 1 8  ? 1.194   -5.618  2.972   1.00 14.52 ? 8   DT  A "O4'" 1 
ATOM   149 C  "C3'" . DT  A 1 8  ? 2.053   -7.704  3.694   1.00 15.85 ? 8   DT  A "C3'" 1 
ATOM   150 O  "O3'" . DT  A 1 8  ? 2.560   -8.674  2.785   1.00 17.81 ? 8   DT  A "O3'" 1 
ATOM   151 C  "C2'" . DT  A 1 8  ? 3.057   -6.579  4.002   1.00 15.18 ? 8   DT  A "C2'" 1 
ATOM   152 C  "C1'" . DT  A 1 8  ? 2.596   -5.438  3.108   1.00 14.81 ? 8   DT  A "C1'" 1 
ATOM   153 N  N1    . DT  A 1 8  ? 2.786   -4.061  3.628   1.00 13.51 ? 8   DT  A N1    1 
ATOM   154 C  C2    . DT  A 1 8  ? 3.504   -3.146  2.874   1.00 12.99 ? 8   DT  A C2    1 
ATOM   155 O  O2    . DT  A 1 8  ? 4.062   -3.433  1.821   1.00 14.30 ? 8   DT  A O2    1 
ATOM   156 N  N3    . DT  A 1 8  ? 3.586   -1.894  3.413   1.00 12.20 ? 8   DT  A N3    1 
ATOM   157 C  C4    . DT  A 1 8  ? 2.997   -1.461  4.585   1.00 12.13 ? 8   DT  A C4    1 
ATOM   158 O  O4    . DT  A 1 8  ? 3.112   -0.315  4.946   1.00 12.44 ? 8   DT  A O4    1 
ATOM   159 C  C5    . DT  A 1 8  ? 2.257   -2.453  5.332   1.00 13.20 ? 8   DT  A C5    1 
ATOM   160 C  C7    . DT  A 1 8  ? 1.597   -2.079  6.632   1.00 14.68 ? 8   DT  A C7    1 
ATOM   161 C  C6    . DT  A 1 8  ? 2.173   -3.689  4.817   1.00 12.95 ? 8   DT  A C6    1 
ATOM   162 P  P     . DC  A 1 9  ? 3.769   -9.663  3.123   1.00 19.08 ? 9   DC  A P     1 
ATOM   163 O  OP1   . DC  A 1 9  ? 3.557   -10.882 2.309   1.00 21.13 ? 9   DC  A OP1   1 
ATOM   164 O  OP2   . DC  A 1 9  ? 3.947   -9.760  4.579   1.00 19.48 ? 9   DC  A OP2   1 
ATOM   165 O  "O5'" . DC  A 1 9  ? 5.030   -8.885  2.559   1.00 17.29 ? 9   DC  A "O5'" 1 
ATOM   166 C  "C5'" . DC  A 1 9  ? 5.076   -8.545  1.190   1.00 18.14 ? 9   DC  A "C5'" 1 
ATOM   167 C  "C4'" . DC  A 1 9  ? 6.281   -7.681  0.942   1.00 18.38 ? 9   DC  A "C4'" 1 
ATOM   168 O  "O4'" . DC  A 1 9  ? 6.079   -6.438  1.636   1.00 17.40 ? 9   DC  A "O4'" 1 
ATOM   169 C  "C3'" . DC  A 1 9  ? 7.577   -8.269  1.492   1.00 19.83 ? 9   DC  A "C3'" 1 
ATOM   170 O  "O3'" . DC  A 1 9  ? 8.413   -8.608  0.400   1.00 20.76 ? 9   DC  A "O3'" 1 
ATOM   171 C  "C2'" . DC  A 1 9  ? 8.179   -7.170  2.376   1.00 18.54 ? 9   DC  A "C2'" 1 
ATOM   172 C  "C1'" . DC  A 1 9  ? 7.334   -5.943  2.058   1.00 16.17 ? 9   DC  A "C1'" 1 
ATOM   173 N  N1    . DC  A 1 9  ? 7.020   -5.057  3.197   1.00 14.68 ? 9   DC  A N1    1 
ATOM   174 C  C2    . DC  A 1 9  ? 7.369   -3.705  3.139   1.00 14.02 ? 9   DC  A C2    1 
ATOM   175 O  O2    . DC  A 1 9  ? 8.023   -3.287  2.166   1.00 17.38 ? 9   DC  A O2    1 
ATOM   176 N  N3    . DC  A 1 9  ? 7.012   -2.898  4.177   1.00 14.06 ? 9   DC  A N3    1 
ATOM   177 C  C4    . DC  A 1 9  ? 6.309   -3.399  5.209   1.00 13.11 ? 9   DC  A C4    1 
ATOM   178 N  N4    . DC  A 1 9  ? 5.962   -2.566  6.195   1.00 14.35 ? 9   DC  A N4    1 
ATOM   179 C  C5    . DC  A 1 9  ? 5.936   -4.770  5.268   1.00 13.95 ? 9   DC  A C5    1 
ATOM   180 C  C6    . DC  A 1 9  ? 6.298   -5.553  4.248   1.00 14.71 ? 9   DC  A C6    1 
ATOM   181 P  P     . DG  A 1 10 ? 9.613   -9.666  0.545   1.00 21.89 ? 10  DG  A P     1 
ATOM   182 O  OP1   . DG  A 1 10 ? 9.814   -10.302 -0.775  1.00 23.45 ? 10  DG  A OP1   1 
ATOM   183 O  OP2   . DG  A 1 10 ? 9.403   -10.494 1.747   1.00 22.86 ? 10  DG  A OP2   1 
ATOM   184 O  "O5'" . DG  A 1 10 ? 10.860  -8.720  0.851   1.00 20.88 ? 10  DG  A "O5'" 1 
ATOM   185 C  "C5'" . DG  A 1 10 ? 11.241  -7.725  -0.083  1.00 20.30 ? 10  DG  A "C5'" 1 
ATOM   186 C  "C4'" . DG  A 1 10 ? 12.219  -6.769  0.561   1.00 20.42 ? 10  DG  A "C4'" 1 
ATOM   187 O  "O4'" . DG  A 1 10 ? 11.520  -6.019  1.589   1.00 19.14 ? 10  DG  A "O4'" 1 
ATOM   188 C  "C3'" . DG  A 1 10 ? 13.395  -7.442  1.272   1.00 20.58 ? 10  DG  A "C3'" 1 
ATOM   189 O  "O3'" . DG  A 1 10 ? 14.538  -6.612  1.183   1.00 21.30 ? 10  DG  A "O3'" 1 
ATOM   190 C  "C2'" . DG  A 1 10 ? 12.906  -7.514  2.716   1.00 19.38 ? 10  DG  A "C2'" 1 
ATOM   191 C  "C1'" . DG  A 1 10 ? 12.241  -6.152  2.794   1.00 18.26 ? 10  DG  A "C1'" 1 
ATOM   192 N  N9    . DG  A 1 10 ? 11.325  -5.937  3.908   1.00 16.69 ? 10  DG  A N9    1 
ATOM   193 C  C8    . DG  A 1 10 ? 10.567  -6.849  4.599   1.00 17.32 ? 10  DG  A C8    1 
ATOM   194 N  N7    . DG  A 1 10 ? 9.827   -6.305  5.530   1.00 15.77 ? 10  DG  A N7    1 
ATOM   195 C  C5    . DG  A 1 10 ? 10.111  -4.950  5.443   1.00 15.41 ? 10  DG  A C5    1 
ATOM   196 C  C6    . DG  A 1 10 ? 9.620   -3.850  6.193   1.00 13.53 ? 10  DG  A C6    1 
ATOM   197 O  O6    . DG  A 1 10 ? 8.815   -3.853  7.133   1.00 16.70 ? 10  DG  A O6    1 
ATOM   198 N  N1    . DG  A 1 10 ? 10.178  -2.648  5.777   1.00 13.96 ? 10  DG  A N1    1 
ATOM   199 C  C2    . DG  A 1 10 ? 11.094  -2.518  4.759   1.00 14.04 ? 10  DG  A C2    1 
ATOM   200 N  N2    . DG  A 1 10 ? 11.522  -1.278  4.491   1.00 15.16 ? 10  DG  A N2    1 
ATOM   201 N  N3    . DG  A 1 10 ? 11.549  -3.538  4.039   1.00 15.35 ? 10  DG  A N3    1 
ATOM   202 C  C4    . DG  A 1 10 ? 11.022  -4.713  4.440   1.00 14.57 ? 10  DG  A C4    1 
ATOM   203 P  P     . DC  A 1 11 ? 15.675  -6.859  0.082   1.00 24.10 ? 11  DC  A P     1 
ATOM   204 O  OP1   . DC  A 1 11 ? 15.025  -7.291  -1.180  1.00 25.65 ? 11  DC  A OP1   1 
ATOM   205 O  OP2   . DC  A 1 11 ? 16.706  -7.706  0.711   1.00 24.68 ? 11  DC  A OP2   1 
ATOM   206 O  "O5'" . DC  A 1 11 ? 16.276  -5.386  -0.120  1.00 24.36 ? 11  DC  A "O5'" 1 
ATOM   207 C  "C5'" . DC  A 1 11 ? 15.521  -4.410  -0.832  1.00 24.48 ? 11  DC  A "C5'" 1 
ATOM   208 C  "C4'" . DC  A 1 11 ? 15.597  -3.022  -0.197  1.00 23.46 ? 11  DC  A "C4'" 1 
ATOM   209 O  "O4'" . DC  A 1 11 ? 14.946  -3.005  1.098   1.00 22.79 ? 11  DC  A "O4'" 1 
ATOM   210 C  "C3'" . DC  A 1 11 ? 16.984  -2.442  0.037   1.00 22.81 ? 11  DC  A "C3'" 1 
ATOM   211 O  "O3'" . DC  A 1 11 ? 16.911  -1.044  -0.225  1.00 22.76 ? 11  DC  A "O3'" 1 
ATOM   212 C  "C2'" . DC  A 1 11 ? 17.230  -2.748  1.525   1.00 22.42 ? 11  DC  A "C2'" 1 
ATOM   213 C  "C1'" . DC  A 1 11 ? 15.837  -2.528  2.093   1.00 21.51 ? 11  DC  A "C1'" 1 
ATOM   214 N  N1    . DC  A 1 11 ? 15.471  -3.283  3.319   1.00 19.01 ? 11  DC  A N1    1 
ATOM   215 C  C2    . DC  A 1 11 ? 14.818  -2.613  4.357   1.00 16.64 ? 11  DC  A C2    1 
ATOM   216 O  O2    . DC  A 1 11 ? 14.616  -1.394  4.261   1.00 17.14 ? 11  DC  A O2    1 
ATOM   217 N  N3    . DC  A 1 11 ? 14.420  -3.325  5.443   1.00 15.84 ? 11  DC  A N3    1 
ATOM   218 C  C4    . DC  A 1 11 ? 14.649  -4.635  5.517   1.00 16.50 ? 11  DC  A C4    1 
ATOM   219 N  N4    . DC  A 1 11 ? 14.239  -5.276  6.615   1.00 18.05 ? 11  DC  A N4    1 
ATOM   220 C  C5    . DC  A 1 11 ? 15.297  -5.345  4.465   1.00 17.08 ? 11  DC  A C5    1 
ATOM   221 C  C6    . DC  A 1 11 ? 15.677  -4.638  3.394   1.00 17.52 ? 11  DC  A C6    1 
ATOM   222 P  P     . DG  A 1 12 ? 18.221  -0.194  -0.559  1.00 22.62 ? 12  DG  A P     1 
ATOM   223 O  OP1   . DG  A 1 12 ? 17.798  1.100   -1.147  1.00 24.34 ? 12  DG  A OP1   1 
ATOM   224 O  OP2   . DG  A 1 12 ? 19.167  -1.069  -1.278  1.00 22.69 ? 12  DG  A OP2   1 
ATOM   225 O  "O5'" . DG  A 1 12 ? 18.857  0.061   0.886   1.00 18.74 ? 12  DG  A "O5'" 1 
ATOM   226 C  "C5'" . DG  A 1 12 ? 18.407  1.149   1.677   1.00 18.05 ? 12  DG  A "C5'" 1 
ATOM   227 C  "C4'" . DG  A 1 12 ? 18.956  1.023   3.084   1.00 14.49 ? 12  DG  A "C4'" 1 
ATOM   228 O  "O4'" . DG  A 1 12 ? 18.388  -0.135  3.716   1.00 14.32 ? 12  DG  A "O4'" 1 
ATOM   229 C  "C3'" . DG  A 1 12 ? 20.464  0.799   3.194   1.00 13.88 ? 12  DG  A "C3'" 1 
ATOM   230 O  "O3'" . DG  A 1 12 ? 21.106  2.037   3.428   1.00 6.99  ? 12  DG  A "O3'" 1 
ATOM   231 C  "C2'" . DG  A 1 12 ? 20.620  -0.174  4.387   1.00 13.87 ? 12  DG  A "C2'" 1 
ATOM   232 C  "C1'" . DG  A 1 12 ? 19.178  -0.398  4.833   1.00 12.75 ? 12  DG  A "C1'" 1 
ATOM   233 N  N9    . DG  A 1 12 ? 18.858  -1.756  5.242   1.00 11.57 ? 12  DG  A N9    1 
ATOM   234 C  C8    . DG  A 1 12 ? 19.204  -2.931  4.618   1.00 10.29 ? 12  DG  A C8    1 
ATOM   235 N  N7    . DG  A 1 12 ? 18.742  -3.987  5.222   1.00 11.92 ? 12  DG  A N7    1 
ATOM   236 C  C5    . DG  A 1 12 ? 18.039  -3.474  6.303   1.00 13.22 ? 12  DG  A C5    1 
ATOM   237 C  C6    . DG  A 1 12 ? 17.309  -4.136  7.312   1.00 13.14 ? 12  DG  A C6    1 
ATOM   238 O  O6    . DG  A 1 12 ? 17.160  -5.364  7.474   1.00 13.95 ? 12  DG  A O6    1 
ATOM   239 N  N1    . DG  A 1 12 ? 16.733  -3.243  8.216   1.00 11.96 ? 12  DG  A N1    1 
ATOM   240 C  C2    . DG  A 1 12 ? 16.857  -1.869  8.156   1.00 10.43 ? 12  DG  A C2    1 
ATOM   241 N  N2    . DG  A 1 12 ? 16.265  -1.181  9.123   1.00 9.51  ? 12  DG  A N2    1 
ATOM   242 N  N3    . DG  A 1 12 ? 17.535  -1.241  7.205   1.00 10.87 ? 12  DG  A N3    1 
ATOM   243 C  C4    . DG  A 1 12 ? 18.100  -2.097  6.327   1.00 10.71 ? 12  DG  A C4    1 
ATOM   244 O  "O5'" A DC  B 1 1  ? 13.307  -5.658  16.148  0.50 20.60 ? 13  DC  B "O5'" 1 
ATOM   245 O  "O5'" B DC  B 1 1  ? 14.529  -4.185  17.399  0.50 19.72 ? 13  DC  B "O5'" 1 
ATOM   246 C  "C5'" . DC  B 1 1  ? 13.277  -4.362  16.737  1.00 19.04 ? 13  DC  B "C5'" 1 
ATOM   247 C  "C4'" . DC  B 1 1  ? 13.067  -3.268  15.689  1.00 17.09 ? 13  DC  B "C4'" 1 
ATOM   248 O  "O4'" . DC  B 1 1  ? 14.074  -3.373  14.651  1.00 15.10 ? 13  DC  B "O4'" 1 
ATOM   249 C  "C3'" . DC  B 1 1  ? 11.725  -3.264  14.953  1.00 16.63 ? 13  DC  B "C3'" 1 
ATOM   250 O  "O3'" . DC  B 1 1  ? 11.389  -1.942  14.628  1.00 17.86 ? 13  DC  B "O3'" 1 
ATOM   251 C  "C2'" . DC  B 1 1  ? 12.049  -4.013  13.673  1.00 15.41 ? 13  DC  B "C2'" 1 
ATOM   252 C  "C1'" . DC  B 1 1  ? 13.444  -3.476  13.393  1.00 13.14 ? 13  DC  B "C1'" 1 
ATOM   253 N  N1    . DC  B 1 1  ? 14.278  -4.345  12.524  1.00 9.81  ? 13  DC  B N1    1 
ATOM   254 C  C2    . DC  B 1 1  ? 14.807  -3.802  11.343  1.00 12.00 ? 13  DC  B C2    1 
ATOM   255 O  O2    . DC  B 1 1  ? 14.565  -2.608  11.050  1.00 10.95 ? 13  DC  B O2    1 
ATOM   256 N  N3    . DC  B 1 1  ? 15.578  -4.587  10.558  1.00 10.47 ? 13  DC  B N3    1 
ATOM   257 C  C4    . DC  B 1 1  ? 15.811  -5.867  10.903  1.00 10.56 ? 13  DC  B C4    1 
ATOM   258 N  N4    . DC  B 1 1  ? 16.571  -6.586  10.083  1.00 11.81 ? 13  DC  B N4    1 
ATOM   259 C  C5    . DC  B 1 1  ? 15.287  -6.441  12.106  1.00 12.83 ? 13  DC  B C5    1 
ATOM   260 C  C6    . DC  B 1 1  ? 14.531  -5.651  12.881  1.00 11.27 ? 13  DC  B C6    1 
ATOM   261 P  P     . DG  B 1 2  ? 10.159  -1.202  15.327  1.00 18.52 ? 14  DG  B P     1 
ATOM   262 O  OP1   . DG  B 1 2  ? 10.421  -1.125  16.774  1.00 19.87 ? 14  DG  B OP1   1 
ATOM   263 O  OP2   . DG  B 1 2  ? 8.890   -1.782  14.838  1.00 20.72 ? 14  DG  B OP2   1 
ATOM   264 O  "O5'" . DG  B 1 2  ? 10.295  0.251   14.720  1.00 16.84 ? 14  DG  B "O5'" 1 
ATOM   265 C  "C5'" . DG  B 1 2  ? 11.462  1.024   14.979  1.00 17.20 ? 14  DG  B "C5'" 1 
ATOM   266 C  "C4'" . DG  B 1 2  ? 11.791  1.805   13.738  1.00 16.38 ? 14  DG  B "C4'" 1 
ATOM   267 O  "O4'" . DG  B 1 2  ? 12.413  0.923   12.771  1.00 16.52 ? 14  DG  B "O4'" 1 
ATOM   268 C  "C3'" . DG  B 1 2  ? 10.558  2.418   13.074  1.00 18.48 ? 14  DG  B "C3'" 1 
ATOM   269 O  "O3'" . DG  B 1 2  ? 10.738  3.799   12.874  1.00 16.55 ? 14  DG  B "O3'" 1 
ATOM   270 C  "C2'" . DG  B 1 2  ? 10.418  1.670   11.760  1.00 18.74 ? 14  DG  B "C2'" 1 
ATOM   271 C  "C1'" . DG  B 1 2  ? 11.817  1.113   11.494  1.00 17.48 ? 14  DG  B "C1'" 1 
ATOM   272 N  N9    . DG  B 1 2  ? 11.770  -0.205  10.851  1.00 15.08 ? 14  DG  B N9    1 
ATOM   273 C  C8    . DG  B 1 2  ? 11.125  -1.295  11.373  1.00 15.12 ? 14  DG  B C8    1 
ATOM   274 N  N7    . DG  B 1 2  ? 11.196  -2.347  10.628  1.00 13.95 ? 14  DG  B N7    1 
ATOM   275 C  C5    . DG  B 1 2  ? 11.937  -1.948  9.529   1.00 12.43 ? 14  DG  B C5    1 
ATOM   276 C  C6    . DG  B 1 2  ? 12.363  -2.699  8.415   1.00 12.85 ? 14  DG  B C6    1 
ATOM   277 O  O6    . DG  B 1 2  ? 12.136  -3.895  8.173   1.00 14.60 ? 14  DG  B O6    1 
ATOM   278 N  N1    . DG  B 1 2  ? 13.109  -1.936  7.519   1.00 11.91 ? 14  DG  B N1    1 
ATOM   279 C  C2    . DG  B 1 2  ? 13.430  -0.606  7.698   1.00 11.79 ? 14  DG  B C2    1 
ATOM   280 N  N2    . DG  B 1 2  ? 14.150  -0.041  6.726   1.00 11.97 ? 14  DG  B N2    1 
ATOM   281 N  N3    . DG  B 1 2  ? 13.039  0.110   8.757   1.00 11.76 ? 14  DG  B N3    1 
ATOM   282 C  C4    . DG  B 1 2  ? 12.313  -0.624  9.643   1.00 12.25 ? 14  DG  B C4    1 
ATOM   283 P  P     . DC  B 1 3  ? 9.545   4.716   12.326  1.00 17.17 ? 15  DC  B P     1 
ATOM   284 O  OP1   . DC  B 1 3  ? 9.765   6.075   12.869  1.00 18.44 ? 15  DC  B OP1   1 
ATOM   285 O  OP2   . DC  B 1 3  ? 8.254   4.024   12.574  1.00 20.55 ? 15  DC  B OP2   1 
ATOM   286 O  "O5'" . DC  B 1 3  ? 9.792   4.764   10.764  1.00 16.34 ? 15  DC  B "O5'" 1 
ATOM   287 C  "C5'" . DC  B 1 3  ? 10.971  5.383   10.260  1.00 15.36 ? 15  DC  B "C5'" 1 
ATOM   288 C  "C4'" . DC  B 1 3  ? 11.165  5.026   8.803   1.00 15.89 ? 15  DC  B "C4'" 1 
ATOM   289 O  "O4'" . DC  B 1 3  ? 11.329  3.604   8.688   1.00 15.72 ? 15  DC  B "O4'" 1 
ATOM   290 C  "C3'" . DC  B 1 3  ? 9.990   5.364   7.905   1.00 16.69 ? 15  DC  B "C3'" 1 
ATOM   291 O  "O3'" . DC  B 1 3  ? 10.196  6.655   7.399   1.00 19.28 ? 15  DC  B "O3'" 1 
ATOM   292 C  "C2'" . DC  B 1 3  ? 10.064  4.314   6.799   1.00 17.54 ? 15  DC  B "C2'" 1 
ATOM   293 C  "C1'" . DC  B 1 3  ? 10.787  3.152   7.464   1.00 16.16 ? 15  DC  B "C1'" 1 
ATOM   294 N  N1    . DC  B 1 3  ? 9.986   1.947   7.763   1.00 14.96 ? 15  DC  B N1    1 
ATOM   295 C  C2    . DC  B 1 3  ? 10.181  0.814   6.971   1.00 13.10 ? 15  DC  B C2    1 
ATOM   296 O  O2    . DC  B 1 3  ? 10.977  0.885   6.026   1.00 13.76 ? 15  DC  B O2    1 
ATOM   297 N  N3    . DC  B 1 3  ? 9.502   -0.318  7.269   1.00 12.95 ? 15  DC  B N3    1 
ATOM   298 C  C4    . DC  B 1 3  ? 8.639   -0.341  8.291   1.00 14.73 ? 15  DC  B C4    1 
ATOM   299 N  N4    . DC  B 1 3  ? 8.001   -1.484  8.541   1.00 16.04 ? 15  DC  B N4    1 
ATOM   300 C  C5    . DC  B 1 3  ? 8.426   0.808   9.117   1.00 16.45 ? 15  DC  B C5    1 
ATOM   301 C  C6    . DC  B 1 3  ? 9.110   1.921   8.819   1.00 16.43 ? 15  DC  B C6    1 
ATOM   302 P  P     . DG  B 1 4  ? 9.075   7.388   6.526   1.00 20.66 ? 16  DG  B P     1 
ATOM   303 O  OP1   . DG  B 1 4  ? 9.333   8.846   6.594   1.00 24.52 ? 16  DG  B OP1   1 
ATOM   304 O  OP2   . DG  B 1 4  ? 7.746   6.852   6.908   1.00 23.12 ? 16  DG  B OP2   1 
ATOM   305 O  "O5'" . DG  B 1 4  ? 9.393   6.902   5.044   1.00 20.31 ? 16  DG  B "O5'" 1 
ATOM   306 C  "C5'" . DG  B 1 4  ? 10.683  7.036   4.491   1.00 20.84 ? 16  DG  B "C5'" 1 
ATOM   307 C  "C4'" . DG  B 1 4  ? 10.744  6.288   3.176   1.00 21.33 ? 16  DG  B "C4'" 1 
ATOM   308 O  "O4'" . DG  B 1 4  ? 10.440  4.881   3.384   1.00 19.76 ? 16  DG  B "O4'" 1 
ATOM   309 C  "C3'" . DG  B 1 4  ? 9.777   6.773   2.109   1.00 22.67 ? 16  DG  B "C3'" 1 
ATOM   310 O  "O3'" . DG  B 1 4  ? 10.448  6.691   0.856   1.00 24.34 ? 16  DG  B "O3'" 1 
ATOM   311 C  "C2'" . DG  B 1 4  ? 8.590   5.808   2.235   1.00 21.39 ? 16  DG  B "C2'" 1 
ATOM   312 C  "C1'" . DG  B 1 4  ? 9.253   4.518   2.700   1.00 18.90 ? 16  DG  B "C1'" 1 
ATOM   313 N  N9    . DG  B 1 4  ? 8.441   3.711   3.616   1.00 17.74 ? 16  DG  B N9    1 
ATOM   314 C  C8    . DG  B 1 4  ? 7.634   4.152   4.644   1.00 16.07 ? 16  DG  B C8    1 
ATOM   315 N  N7    . DG  B 1 4  ? 7.043   3.186   5.298   1.00 15.77 ? 16  DG  B N7    1 
ATOM   316 C  C5    . DG  B 1 4  ? 7.490   2.035   4.673   1.00 14.60 ? 16  DG  B C5    1 
ATOM   317 C  C6    . DG  B 1 4  ? 7.194   0.680   4.933   1.00 12.72 ? 16  DG  B C6    1 
ATOM   318 O  O6    . DG  B 1 4  ? 6.459   0.205   5.805   1.00 14.41 ? 16  DG  B O6    1 
ATOM   319 N  N1    . DG  B 1 4  ? 7.863   -0.172  4.059   1.00 12.97 ? 16  DG  B N1    1 
ATOM   320 C  C2    . DG  B 1 4  ? 8.707   0.219   3.049   1.00 12.89 ? 16  DG  B C2    1 
ATOM   321 N  N2    . DG  B 1 4  ? 9.239   -0.760  2.307   1.00 14.11 ? 16  DG  B N2    1 
ATOM   322 N  N3    . DG  B 1 4  ? 8.995   1.484   2.791   1.00 14.82 ? 16  DG  B N3    1 
ATOM   323 C  C4    . DG  B 1 4  ? 8.352   2.337   3.635   1.00 13.94 ? 16  DG  B C4    1 
ATOM   324 P  P     . DA  B 1 5  ? 9.689   6.789   -0.548  1.00 26.64 ? 17  DA  B P     1 
ATOM   325 O  OP1   . DA  B 1 5  ? 10.613  7.442   -1.499  1.00 27.94 ? 17  DA  B OP1   1 
ATOM   326 O  OP2   . DA  B 1 5  ? 8.338   7.362   -0.343  1.00 25.68 ? 17  DA  B OP2   1 
ATOM   327 O  "O5'" . DA  B 1 5  ? 9.540   5.261   -0.943  1.00 24.87 ? 17  DA  B "O5'" 1 
ATOM   328 C  "C5'" . DA  B 1 5  ? 10.693  4.454   -1.107  1.00 24.64 ? 17  DA  B "C5'" 1 
ATOM   329 C  "C4'" . DA  B 1 5  ? 10.307  3.159   -1.788  1.00 24.88 ? 17  DA  B "C4'" 1 
ATOM   330 O  "O4'" . DA  B 1 5  ? 9.481   2.373   -0.890  1.00 23.65 ? 17  DA  B "O4'" 1 
ATOM   331 C  "C3'" . DA  B 1 5  ? 9.503   3.319   -3.075  1.00 25.70 ? 17  DA  B "C3'" 1 
ATOM   332 O  "O3'" . DA  B 1 5  ? 9.930   2.324   -4.004  1.00 27.50 ? 17  DA  B "O3'" 1 
ATOM   333 C  "C2'" . DA  B 1 5  ? 8.046   3.129   -2.620  1.00 24.08 ? 17  DA  B "C2'" 1 
ATOM   334 C  "C1'" . DA  B 1 5  ? 8.197   2.154   -1.458  1.00 22.07 ? 17  DA  B "C1'" 1 
ATOM   335 N  N9    . DA  B 1 5  ? 7.248   2.348   -0.368  1.00 18.62 ? 17  DA  B N9    1 
ATOM   336 C  C8    . DA  B 1 5  ? 6.835   3.536   0.179   1.00 17.30 ? 17  DA  B C8    1 
ATOM   337 N  N7    . DA  B 1 5  ? 6.002   3.397   1.189   1.00 16.59 ? 17  DA  B N7    1 
ATOM   338 C  C5    . DA  B 1 5  ? 5.870   2.028   1.315   1.00 15.16 ? 17  DA  B C5    1 
ATOM   339 C  C6    . DA  B 1 5  ? 5.126   1.220   2.208   1.00 13.39 ? 17  DA  B C6    1 
ATOM   340 N  N6    . DA  B 1 5  ? 4.341   1.730   3.175   1.00 13.51 ? 17  DA  B N6    1 
ATOM   341 N  N1    . DA  B 1 5  ? 5.215   -0.124  2.067   1.00 13.63 ? 17  DA  B N1    1 
ATOM   342 C  C2    . DA  B 1 5  ? 5.999   -0.622  1.095   1.00 15.55 ? 17  DA  B C2    1 
ATOM   343 N  N3    . DA  B 1 5  ? 6.741   0.037   0.209   1.00 16.24 ? 17  DA  B N3    1 
ATOM   344 C  C4    . DA  B 1 5  ? 6.632   1.363   0.367   1.00 16.55 ? 17  DA  B C4    1 
ATOM   345 P  P     . DA  B 1 6  ? 9.153   2.050   -5.385  1.00 29.16 ? 18  DA  B P     1 
ATOM   346 O  OP1   . DA  B 1 6  ? 10.125  1.466   -6.336  1.00 29.01 ? 18  DA  B OP1   1 
ATOM   347 O  OP2   . DA  B 1 6  ? 8.383   3.251   -5.775  1.00 28.96 ? 18  DA  B OP2   1 
ATOM   348 O  "O5'" . DA  B 1 6  ? 8.107   0.922   -4.958  1.00 26.10 ? 18  DA  B "O5'" 1 
ATOM   349 C  "C5'" . DA  B 1 6  ? 8.557   -0.345  -4.518  1.00 22.24 ? 18  DA  B "C5'" 1 
ATOM   350 C  "C4'" . DA  B 1 6  ? 7.366   -1.238  -4.234  1.00 20.88 ? 18  DA  B "C4'" 1 
ATOM   351 O  "O4'" . DA  B 1 6  ? 6.625   -0.711  -3.105  1.00 19.79 ? 18  DA  B "O4'" 1 
ATOM   352 C  "C3'" . DA  B 1 6  ? 6.375   -1.357  -5.392  1.00 21.25 ? 18  DA  B "C3'" 1 
ATOM   353 O  "O3'" . DA  B 1 6  ? 6.289   -2.733  -5.743  1.00 21.64 ? 18  DA  B "O3'" 1 
ATOM   354 C  "C2'" . DA  B 1 6  ? 5.054   -0.760  -4.854  1.00 20.18 ? 18  DA  B "C2'" 1 
ATOM   355 C  "C1'" . DA  B 1 6  ? 5.238   -0.833  -3.342  1.00 17.45 ? 18  DA  B "C1'" 1 
ATOM   356 N  N9    . DA  B 1 6  ? 4.593   0.221   -2.557  1.00 15.99 ? 18  DA  B N9    1 
ATOM   357 C  C8    . DA  B 1 6  ? 4.717   1.576   -2.703  1.00 15.99 ? 18  DA  B C8    1 
ATOM   358 N  N7    . DA  B 1 6  ? 4.038   2.277   -1.823  1.00 16.20 ? 18  DA  B N7    1 
ATOM   359 C  C5    . DA  B 1 6  ? 3.439   1.311   -1.035  1.00 14.11 ? 18  DA  B C5    1 
ATOM   360 C  C6    . DA  B 1 6  ? 2.582   1.399   0.088   1.00 11.73 ? 18  DA  B C6    1 
ATOM   361 N  N6    . DA  B 1 6  ? 2.181   2.557   0.618   1.00 12.77 ? 18  DA  B N6    1 
ATOM   362 N  N1    . DA  B 1 6  ? 2.154   0.237   0.636   1.00 11.64 ? 18  DA  B N1    1 
ATOM   363 C  C2    . DA  B 1 6  ? 2.559   -0.922  0.116   1.00 12.24 ? 18  DA  B C2    1 
ATOM   364 N  N3    . DA  B 1 6  ? 3.357   -1.133  -0.937  1.00 13.34 ? 18  DA  B N3    1 
ATOM   365 C  C4    . DA  B 1 6  ? 3.765   0.038   -1.468  1.00 13.78 ? 18  DA  B C4    1 
ATOM   366 P  P     . DT  B 1 7  ? 5.351   -3.257  -6.922  1.00 23.11 ? 19  DT  B P     1 
ATOM   367 O  OP1   . DT  B 1 7  ? 5.964   -4.493  -7.446  1.00 25.36 ? 19  DT  B OP1   1 
ATOM   368 O  OP2   . DT  B 1 7  ? 5.024   -2.136  -7.820  1.00 23.64 ? 19  DT  B OP2   1 
ATOM   369 O  "O5'" . DT  B 1 7  ? 4.004   -3.631  -6.152  1.00 20.45 ? 19  DT  B "O5'" 1 
ATOM   370 C  "C5'" . DT  B 1 7  ? 4.031   -4.490  -5.045  1.00 18.24 ? 19  DT  B "C5'" 1 
ATOM   371 C  "C4'" . DT  B 1 7  ? 2.678   -4.464  -4.370  1.00 14.64 ? 19  DT  B "C4'" 1 
ATOM   372 O  "O4'" . DT  B 1 7  ? 2.472   -3.189  -3.727  1.00 14.74 ? 19  DT  B "O4'" 1 
ATOM   373 C  "C3'" . DT  B 1 7  ? 1.478   -4.678  -5.295  1.00 14.90 ? 19  DT  B "C3'" 1 
ATOM   374 O  "O3'" . DT  B 1 7  ? 0.974   -5.971  -5.016  1.00 15.80 ? 19  DT  B "O3'" 1 
ATOM   375 C  "C2'" . DT  B 1 7  ? 0.500   -3.532  -4.948  1.00 14.21 ? 19  DT  B "C2'" 1 
ATOM   376 C  "C1'" . DT  B 1 7  ? 1.074   -2.973  -3.646  1.00 12.37 ? 19  DT  B "C1'" 1 
ATOM   377 N  N1    . DT  B 1 7  ? 0.846   -1.515  -3.351  1.00 12.32 ? 19  DT  B N1    1 
ATOM   378 C  C2    . DT  B 1 7  ? 0.117   -1.159  -2.224  1.00 11.27 ? 19  DT  B C2    1 
ATOM   379 O  O2    . DT  B 1 7  ? -0.384  -1.982  -1.480  1.00 13.62 ? 19  DT  B O2    1 
ATOM   380 N  N3    . DT  B 1 7  ? -0.010  0.192   -2.015  1.00 10.87 ? 19  DT  B N3    1 
ATOM   381 C  C4    . DT  B 1 7  ? 0.518   1.214   -2.779  1.00 11.12 ? 19  DT  B C4    1 
ATOM   382 O  O4    . DT  B 1 7  ? 0.348   2.394   -2.495  1.00 12.64 ? 19  DT  B O4    1 
ATOM   383 C  C5    . DT  B 1 7  ? 1.283   0.771   -3.942  1.00 12.57 ? 19  DT  B C5    1 
ATOM   384 C  C7    . DT  B 1 7  ? 1.897   1.777   -4.873  1.00 14.41 ? 19  DT  B C7    1 
ATOM   385 C  C6    . DT  B 1 7  ? 1.410   -0.549  -4.156  1.00 13.01 ? 19  DT  B C6    1 
ATOM   386 P  P     . DT  B 1 8  ? -0.228  -6.655  -5.835  1.00 16.50 ? 20  DT  B P     1 
ATOM   387 O  OP1   . DT  B 1 8  ? -0.034  -8.110  -5.717  1.00 18.08 ? 20  DT  B OP1   1 
ATOM   388 O  OP2   . DT  B 1 8  ? -0.379  -6.043  -7.177  1.00 16.93 ? 20  DT  B OP2   1 
ATOM   389 O  "O5'" . DT  B 1 8  ? -1.502  -6.222  -4.968  1.00 14.25 ? 20  DT  B "O5'" 1 
ATOM   390 C  "C5'" . DT  B 1 8  ? -1.624  -6.625  -3.617  1.00 13.47 ? 20  DT  B "C5'" 1 
ATOM   391 C  "C4'" . DT  B 1 8  ? -2.813  -5.939  -2.983  1.00 13.40 ? 20  DT  B "C4'" 1 
ATOM   392 O  "O4'" . DT  B 1 8  ? -2.610  -4.513  -2.947  1.00 12.95 ? 20  DT  B "O4'" 1 
ATOM   393 C  "C3'" . DT  B 1 8  ? -4.145  -6.155  -3.700  1.00 13.66 ? 20  DT  B "C3'" 1 
ATOM   394 O  "O3'" . DT  B 1 8  ? -4.985  -6.866  -2.815  1.00 16.53 ? 20  DT  B "O3'" 1 
ATOM   395 C  "C2'" . DT  B 1 8  ? -4.650  -4.731  -4.033  1.00 13.31 ? 20  DT  B "C2'" 1 
ATOM   396 C  "C1'" . DT  B 1 8  ? -3.880  -3.883  -3.047  1.00 11.13 ? 20  DT  B "C1'" 1 
ATOM   397 N  N1    . DT  B 1 8  ? -3.583  -2.486  -3.408  1.00 11.08 ? 20  DT  B N1    1 
ATOM   398 C  C2    . DT  B 1 8  ? -4.012  -1.475  -2.567  1.00 9.37  ? 20  DT  B C2    1 
ATOM   399 O  O2    . DT  B 1 8  ? -4.713  -1.665  -1.584  1.00 11.29 ? 20  DT  B O2    1 
ATOM   400 N  N3    . DT  B 1 8  ? -3.596  -0.218  -2.922  1.00 9.68  ? 20  DT  B N3    1 
ATOM   401 C  C4    . DT  B 1 8  ? -2.827  0.140   -4.015  1.00 9.85  ? 20  DT  B C4    1 
ATOM   402 O  O4    . DT  B 1 8  ? -2.510  1.303   -4.208  1.00 11.57 ? 20  DT  B O4    1 
ATOM   403 C  C5    . DT  B 1 8  ? -2.408  -0.956  -4.869  1.00 10.57 ? 20  DT  B C5    1 
ATOM   404 C  C7    . DT  B 1 8  ? -1.553  -0.686  -6.083  1.00 13.98 ? 20  DT  B C7    1 
ATOM   405 C  C6    . DT  B 1 8  ? -2.779  -2.204  -4.522  1.00 10.28 ? 20  DT  B C6    1 
ATOM   406 P  P     . DC  B 1 9  ? -6.414  -7.424  -3.251  1.00 19.70 ? 21  DC  B P     1 
ATOM   407 O  OP1   . DC  B 1 9  ? -6.667  -8.630  -2.445  1.00 22.14 ? 21  DC  B OP1   1 
ATOM   408 O  OP2   . DC  B 1 9  ? -6.492  -7.479  -4.714  1.00 21.22 ? 21  DC  B OP2   1 
ATOM   409 O  "O5'" . DC  B 1 9  ? -7.408  -6.280  -2.775  1.00 14.53 ? 21  DC  B "O5'" 1 
ATOM   410 C  "C5'" . DC  B 1 9  ? -7.462  -5.940  -1.413  1.00 13.86 ? 21  DC  B "C5'" 1 
ATOM   411 C  "C4'" . DC  B 1 9  ? -8.304  -4.704  -1.255  1.00 10.31 ? 21  DC  B "C4'" 1 
ATOM   412 O  "O4'" . DC  B 1 9  ? -7.634  -3.588  -1.880  1.00 10.54 ? 21  DC  B "O4'" 1 
ATOM   413 C  "C3'" . DC  B 1 9  ? -9.670  -4.795  -1.929  1.00 11.51 ? 21  DC  B "C3'" 1 
ATOM   414 O  "O3'" . DC  B 1 9  ? -10.639 -4.776  -0.916  1.00 11.93 ? 21  DC  B "O3'" 1 
ATOM   415 C  "C2'" . DC  B 1 9  ? -9.740  -3.573  -2.856  1.00 11.29 ? 21  DC  B "C2'" 1 
ATOM   416 C  "C1'" . DC  B 1 9  ? -8.624  -2.690  -2.330  1.00 10.42 ? 21  DC  B "C1'" 1 
ATOM   417 N  N1    . DC  B 1 9  ? -7.906  -1.824  -3.299  1.00 9.95  ? 21  DC  B N1    1 
ATOM   418 C  C2    . DC  B 1 9  ? -7.821  -0.444  -3.063  1.00 9.48  ? 21  DC  B C2    1 
ATOM   419 O  O2    . DC  B 1 9  ? -8.433  0.048   -2.114  1.00 10.46 ? 21  DC  B O2    1 
ATOM   420 N  N3    . DC  B 1 9  ? -7.093  0.316   -3.905  1.00 9.61  ? 21  DC  B N3    1 
ATOM   421 C  C4    . DC  B 1 9  ? -6.448  -0.251  -4.923  1.00 8.88  ? 21  DC  B C4    1 
ATOM   422 N  N4    . DC  B 1 9  ? -5.701  0.537   -5.716  1.00 10.24 ? 21  DC  B N4    1 
ATOM   423 C  C5    . DC  B 1 9  ? -6.508  -1.657  -5.168  1.00 9.16  ? 21  DC  B C5    1 
ATOM   424 C  C6    . DC  B 1 9  ? -7.241  -2.394  -4.345  1.00 10.07 ? 21  DC  B C6    1 
ATOM   425 P  P     . DG  B 1 10 ? -12.174 -5.139  -1.179  1.00 12.83 ? 22  DG  B P     1 
ATOM   426 O  OP1   . DG  B 1 10 ? -12.750 -5.584  0.104   1.00 14.11 ? 22  DG  B OP1   1 
ATOM   427 O  OP2   . DG  B 1 10 ? -12.302 -5.998  -2.349  1.00 14.24 ? 22  DG  B OP2   1 
ATOM   428 O  "O5'" . DG  B 1 10 ? -12.812 -3.745  -1.582  1.00 12.39 ? 22  DG  B "O5'" 1 
ATOM   429 C  "C5'" . DG  B 1 10 ? -12.821 -2.658  -0.659  1.00 12.12 ? 22  DG  B "C5'" 1 
ATOM   430 C  "C4'" . DG  B 1 10 ? -13.315 -1.407  -1.343  1.00 12.05 ? 22  DG  B "C4'" 1 
ATOM   431 O  "O4'" . DG  B 1 10 ? -12.280 -0.919  -2.239  1.00 10.80 ? 22  DG  B "O4'" 1 
ATOM   432 C  "C3'" . DG  B 1 10 ? -14.528 -1.600  -2.245  1.00 12.53 ? 22  DG  B "C3'" 1 
ATOM   433 O  "O3'" . DG  B 1 10 ? -15.335 -0.433  -2.137  1.00 14.32 ? 22  DG  B "O3'" 1 
ATOM   434 C  "C2'" . DG  B 1 10 ? -13.925 -1.697  -3.649  1.00 11.14 ? 22  DG  B "C2'" 1 
ATOM   435 C  "C1'" . DG  B 1 10 ? -12.864 -0.626  -3.489  1.00 9.83  ? 22  DG  B "C1'" 1 
ATOM   436 N  N9    . DG  B 1 10 ? -11.811 -0.590  -4.489  1.00 9.37  ? 22  DG  B N9    1 
ATOM   437 C  C8    . DG  B 1 10 ? -11.293 -1.623  -5.241  1.00 10.69 ? 22  DG  B C8    1 
ATOM   438 N  N7    . DG  B 1 10 ? -10.333 -1.253  -6.034  1.00 9.81  ? 22  DG  B N7    1 
ATOM   439 C  C5    . DG  B 1 10 ? -10.190 0.115   -5.782  1.00 8.59  ? 22  DG  B C5    1 
ATOM   440 C  C6    . DG  B 1 10 ? -9.316  1.083   -6.357  1.00 8.69  ? 22  DG  B C6    1 
ATOM   441 O  O6    . DG  B 1 10 ? -8.438  0.907   -7.192  1.00 9.68  ? 22  DG  B O6    1 
ATOM   442 N  N1    . DG  B 1 10 ? -9.539  2.369   -5.840  1.00 9.04  ? 22  DG  B N1    1 
ATOM   443 C  C2    . DG  B 1 10 ? -10.462 2.670   -4.882  1.00 8.91  ? 22  DG  B C2    1 
ATOM   444 N  N2    . DG  B 1 10 ? -10.540 3.953   -4.487  1.00 8.71  ? 22  DG  B N2    1 
ATOM   445 N  N3    . DG  B 1 10 ? -11.284 1.780   -4.345  1.00 8.46  ? 22  DG  B N3    1 
ATOM   446 C  C4    . DG  B 1 10 ? -11.098 0.533   -4.848  1.00 8.43  ? 22  DG  B C4    1 
ATOM   447 P  P     . DC  B 1 11 ? -16.920 -0.520  -2.054  1.00 17.70 ? 23  DC  B P     1 
ATOM   448 O  OP1   . DC  B 1 11 ? -17.314 -1.058  -0.739  1.00 20.41 ? 23  DC  B OP1   1 
ATOM   449 O  OP2   . DC  B 1 11 ? -17.393 -1.161  -3.281  1.00 19.31 ? 23  DC  B OP2   1 
ATOM   450 O  "O5'" . DC  B 1 11 ? -17.372 1.008   -2.110  1.00 17.81 ? 23  DC  B "O5'" 1 
ATOM   451 C  "C5'" . DC  B 1 11 ? -16.784 1.979   -1.247  1.00 18.10 ? 23  DC  B "C5'" 1 
ATOM   452 C  "C4'" . DC  B 1 11 ? -16.627 3.286   -1.997  1.00 17.67 ? 23  DC  B "C4'" 1 
ATOM   453 O  "O4'" . DC  B 1 11 ? -15.474 3.183   -2.861  1.00 17.68 ? 23  DC  B "O4'" 1 
ATOM   454 C  "C3'" . DC  B 1 11 ? -17.812 3.600   -2.895  1.00 19.19 ? 23  DC  B "C3'" 1 
ATOM   455 O  "O3'" . DC  B 1 11 ? -18.342 4.867   -2.596  1.00 20.80 ? 23  DC  B "O3'" 1 
ATOM   456 C  "C2'" . DC  B 1 11 ? -17.278 3.528   -4.311  1.00 19.35 ? 23  DC  B "C2'" 1 
ATOM   457 C  "C1'" . DC  B 1 11 ? -15.782 3.709   -4.124  1.00 16.66 ? 23  DC  B "C1'" 1 
ATOM   458 N  N1    . DC  B 1 11 ? -15.027 2.924   -5.099  1.00 14.21 ? 23  DC  B N1    1 
ATOM   459 C  C2    . DC  B 1 11 ? -14.058 3.532   -5.907  1.00 11.85 ? 23  DC  B C2    1 
ATOM   460 O  O2    . DC  B 1 11 ? -13.842 4.742   -5.769  1.00 12.16 ? 23  DC  B O2    1 
ATOM   461 N  N3    . DC  B 1 11 ? -13.400 2.772   -6.811  1.00 9.89  ? 23  DC  B N3    1 
ATOM   462 C  C4    . DC  B 1 11 ? -13.679 1.465   -6.926  1.00 9.82  ? 23  DC  B C4    1 
ATOM   463 N  N4    . DC  B 1 11 ? -12.986 0.765   -7.810  1.00 10.28 ? 23  DC  B N4    1 
ATOM   464 C  C5    . DC  B 1 11 ? -14.671 0.834   -6.116  1.00 12.20 ? 23  DC  B C5    1 
ATOM   465 C  C6    . DC  B 1 11 ? -15.309 1.591   -5.225  1.00 12.69 ? 23  DC  B C6    1 
ATOM   466 P  P     . DG  B 1 12 ? -19.711 5.339   -3.279  1.00 23.69 ? 24  DG  B P     1 
ATOM   467 O  OP1   . DG  B 1 12 ? -20.439 6.176   -2.303  1.00 24.71 ? 24  DG  B OP1   1 
ATOM   468 O  OP2   . DG  B 1 12 ? -20.353 4.172   -3.897  1.00 22.51 ? 24  DG  B OP2   1 
ATOM   469 O  "O5'" . DG  B 1 12 ? -19.205 6.256   -4.476  1.00 20.51 ? 24  DG  B "O5'" 1 
ATOM   470 C  "C5'" . DG  B 1 12 ? -18.546 7.474   -4.211  1.00 19.15 ? 24  DG  B "C5'" 1 
ATOM   471 C  "C4'" . DG  B 1 12 ? -17.915 7.964   -5.489  1.00 18.22 ? 24  DG  B "C4'" 1 
ATOM   472 O  "O4'" . DG  B 1 12 ? -16.870 7.052   -5.861  1.00 16.71 ? 24  DG  B "O4'" 1 
ATOM   473 C  "C3'" . DG  B 1 12 ? -18.837 7.922   -6.693  1.00 18.70 ? 24  DG  B "C3'" 1 
ATOM   474 O  "O3'" . DG  B 1 12 ? -19.672 9.050   -6.713  1.00 19.97 ? 24  DG  B "O3'" 1 
ATOM   475 C  "C2'" . DG  B 1 12 ? -17.851 7.941   -7.841  1.00 18.70 ? 24  DG  B "C2'" 1 
ATOM   476 C  "C1'" . DG  B 1 12 ? -16.704 7.115   -7.268  1.00 16.27 ? 24  DG  B "C1'" 1 
ATOM   477 N  N9    . DG  B 1 12 ? -16.611 5.756   -7.772  1.00 13.81 ? 24  DG  B N9    1 
ATOM   478 C  C8    . DG  B 1 12 ? -17.368 4.666   -7.416  1.00 15.32 ? 24  DG  B C8    1 
ATOM   479 N  N7    . DG  B 1 12 ? -17.017 3.566   -8.034  1.00 13.81 ? 24  DG  B N7    1 
ATOM   480 C  C5    . DG  B 1 12 ? -15.954 3.956   -8.844  1.00 12.31 ? 24  DG  B C5    1 
ATOM   481 C  C6    . DG  B 1 12 ? -15.131 3.225   -9.738  1.00 11.60 ? 24  DG  B C6    1 
ATOM   482 O  O6    . DG  B 1 12 ? -15.199 2.031   -10.036 1.00 12.24 ? 24  DG  B O6    1 
ATOM   483 N  N1    . DG  B 1 12 ? -14.168 4.026   -10.348 1.00 10.98 ? 24  DG  B N1    1 
ATOM   484 C  C2    . DG  B 1 12 ? -14.005 5.368   -10.119 1.00 11.47 ? 24  DG  B C2    1 
ATOM   485 N  N2    . DG  B 1 12 ? -13.028 5.989   -10.797 1.00 11.44 ? 24  DG  B N2    1 
ATOM   486 N  N3    . DG  B 1 12 ? -14.755 6.058   -9.280  1.00 10.76 ? 24  DG  B N3    1 
ATOM   487 C  C4    . DG  B 1 12 ? -15.695 5.300   -8.677  1.00 12.15 ? 24  DG  B C4    1 
HETATM 488 N  NAA   . D63 C 2 .  ? 5.247   -4.286  -0.749  1.00 21.65 ? 13  D63 A NAA   1 
HETATM 489 N  NAB   . D63 C 2 .  ? 5.413   -6.053  -2.268  1.00 22.68 ? 13  D63 A NAB   1 
HETATM 490 N  NAC   . D63 C 2 .  ? -10.515 -1.528  1.918   1.00 25.96 ? 13  D63 A NAC   1 
HETATM 491 O  OAD   . D63 C 2 .  ? -10.415 -2.802  3.777   1.00 25.86 ? 13  D63 A OAD   1 
HETATM 492 C  CAE   . D63 C 2 .  ? -8.187  -4.085  2.745   1.00 17.76 ? 13  D63 A CAE   1 
HETATM 493 C  CAF   . D63 C 2 .  ? -7.801  -2.034  1.513   1.00 17.75 ? 13  D63 A CAF   1 
HETATM 494 C  CAG   . D63 C 2 .  ? -6.929  -4.553  2.350   1.00 17.13 ? 13  D63 A CAG   1 
HETATM 495 C  CAH   . D63 C 2 .  ? -6.539  -2.504  1.112   1.00 16.11 ? 13  D63 A CAH   1 
HETATM 496 C  CAI   . D63 C 2 .  ? -4.511  -5.609  1.081   1.00 15.13 ? 13  D63 A CAI   1 
HETATM 497 C  CAJ   . D63 C 2 .  ? -3.833  -3.304  0.857   1.00 15.85 ? 13  D63 A CAJ   1 
HETATM 498 C  CAK   . D63 C 2 .  ? -3.206  -6.011  0.713   1.00 15.04 ? 13  D63 A CAK   1 
HETATM 499 C  CAL   . D63 C 2 .  ? -2.549  -3.702  0.485   1.00 17.97 ? 13  D63 A CAL   1 
HETATM 500 C  CAM   . D63 C 2 .  ? 3.012   -7.043  -1.227  1.00 21.81 ? 13  D63 A CAM   1 
HETATM 501 C  CAN   . D63 C 2 .  ? 1.698   -7.406  -0.957  1.00 21.33 ? 13  D63 A CAN   1 
HETATM 502 C  CAO   . D63 C 2 .  ? 2.420   -4.784  -0.700  1.00 20.20 ? 13  D63 A CAO   1 
HETATM 503 N  NAP   . D63 C 2 .  ? -0.505  -6.602  -0.269  1.00 20.79 ? 13  D63 A NAP   1 
HETATM 504 N  NAQ   . D63 C 2 .  ? 0.067   -4.521  -0.065  1.00 19.92 ? 13  D63 A NAQ   1 
HETATM 505 C  CAR   . D63 C 2 .  ? 4.723   -5.336  -1.378  1.00 21.97 ? 13  D63 A CAR   1 
HETATM 506 C  CAS   . D63 C 2 .  ? -9.904  -2.381  2.738   1.00 22.51 ? 13  D63 A CAS   1 
HETATM 507 C  CAT   . D63 C 2 .  ? -8.633  -2.828  2.328   1.00 19.89 ? 13  D63 A CAT   1 
HETATM 508 C  CAU   . D63 C 2 .  ? 3.390   -5.714  -1.100  1.00 20.49 ? 13  D63 A CAU   1 
HETATM 509 C  CAV   . D63 C 2 .  ? -6.105  -3.772  1.529   1.00 15.54 ? 13  D63 A CAV   1 
HETATM 510 C  CAW   . D63 C 2 .  ? -4.829  -4.235  1.150   1.00 14.43 ? 13  D63 A CAW   1 
HETATM 511 C  CAX   . D63 C 2 .  ? -2.217  -5.048  0.411   1.00 17.10 ? 13  D63 A CAX   1 
HETATM 512 C  CAY   . D63 C 2 .  ? -0.945  -5.389  0.045   1.00 18.10 ? 13  D63 A CAY   1 
HETATM 513 C  CAZ   . D63 C 2 .  ? 0.801   -6.488  -0.578  1.00 19.94 ? 13  D63 A CAZ   1 
HETATM 514 C  CBA   . D63 C 2 .  ? 1.153   -5.191  -0.456  1.00 20.49 ? 13  D63 A CBA   1 
HETATM 515 MG MG    . MG  D 3 .  ? -7.941  -1.023  -10.869 1.00 10.34 ? 14  MG  A MG    1 
HETATM 516 MG MG    . MG  E 3 .  ? 19.838  -8.870  8.008   1.00 28.74 ? 15  MG  A MG    1 
HETATM 517 O  O     . HOH F 4 .  ? -10.752 -3.270  -13.227 1.00 18.99 ? 16  HOH A O     1 
HETATM 518 O  O     . HOH F 4 .  ? -11.067 5.105   8.656   1.00 18.70 ? 17  HOH A O     1 
HETATM 519 O  O     . HOH F 4 .  ? -7.532  0.891   -11.561 1.00 11.08 ? 18  HOH A O     1 
HETATM 520 O  O     . HOH F 4 .  ? -6.908  3.835   9.683   1.00 10.56 ? 19  HOH A O     1 
HETATM 521 O  O     . HOH F 4 .  ? -2.543  -0.977  7.928   1.00 15.70 ? 20  HOH A O     1 
HETATM 522 O  O     . HOH F 4 .  ? -10.231 0.079   -0.135  1.00 16.05 ? 21  HOH A O     1 
HETATM 523 O  O     . HOH F 4 .  ? -8.742  -2.112  9.479   1.00 12.81 ? 22  HOH A O     1 
HETATM 524 O  O     . HOH F 4 .  ? -4.303  3.969   6.620   1.00 15.75 ? 23  HOH A O     1 
HETATM 525 O  O     . HOH F 4 .  ? -2.353  10.414  -6.995  1.00 23.81 ? 24  HOH A O     1 
HETATM 526 O  O     . HOH F 4 .  ? -2.847  0.338   -9.781  1.00 18.16 ? 25  HOH A O     1 
HETATM 527 O  O     . HOH F 4 .  ? -12.463 -2.179  -14.839 1.00 21.72 ? 26  HOH A O     1 
HETATM 528 O  O     . HOH F 4 .  ? -14.037 0.221   -14.619 1.00 20.67 ? 27  HOH A O     1 
HETATM 529 O  O     . HOH F 4 .  ? -12.990 2.270   -16.165 1.00 15.77 ? 28  HOH A O     1 
HETATM 530 O  O     . HOH F 4 .  ? 19.486  -6.436  4.228   1.00 23.98 ? 29  HOH A O     1 
HETATM 531 O  O     . HOH F 4 .  ? -1.684  5.656   3.336   1.00 23.10 ? 30  HOH A O     1 
HETATM 532 O  O     . HOH F 4 .  ? -11.392 3.503   5.179   1.00 23.63 ? 31  HOH A O     1 
HETATM 533 O  O     . HOH F 4 .  ? -2.927  3.236   -6.378  1.00 23.06 ? 32  HOH A O     1 
HETATM 534 O  O     . HOH F 4 .  ? -3.783  2.774   -9.146  1.00 22.17 ? 33  HOH A O     1 
HETATM 535 O  O     . HOH F 4 .  ? 0.227   -5.071  8.309   1.00 21.86 ? 34  HOH A O     1 
HETATM 536 O  O     . HOH F 4 .  ? -10.384 -0.328  8.171   1.00 17.91 ? 35  HOH A O     1 
HETATM 537 O  O     . HOH F 4 .  ? 2.848   -5.673  7.463   1.00 23.04 ? 36  HOH A O     1 
HETATM 538 O  O     . HOH F 4 .  ? -11.107 -0.916  5.509   1.00 32.29 ? 37  HOH A O     1 
HETATM 539 O  O     . HOH F 4 .  ? -5.185  4.246   -13.196 1.00 15.24 ? 38  HOH A O     1 
HETATM 540 O  O     . HOH F 4 .  ? -8.671  1.632   1.557   1.00 17.70 ? 39  HOH A O     1 
HETATM 541 O  O     . HOH F 4 .  ? -1.877  6.582   -0.868  1.00 31.07 ? 40  HOH A O     1 
HETATM 542 O  O     . HOH F 4 .  ? 12.056  -2.625  1.423   1.00 25.24 ? 41  HOH A O     1 
HETATM 543 O  O     . HOH F 4 .  ? -12.208 6.149   4.469   1.00 25.00 ? 42  HOH A O     1 
HETATM 544 O  O     . HOH F 4 .  ? -12.331 0.178   -17.880 1.00 19.56 ? 43  HOH A O     1 
HETATM 545 O  O     . HOH F 4 .  ? -3.340  4.718   -11.248 1.00 20.84 ? 44  HOH A O     1 
HETATM 546 O  O     . HOH F 4 .  ? 4.609   -3.780  8.456   1.00 20.84 ? 45  HOH A O     1 
HETATM 547 O  O     . HOH F 4 .  ? -12.033 -2.130  -10.277 1.00 20.25 ? 46  HOH A O     1 
HETATM 548 O  O     . HOH F 4 .  ? 4.624   -8.135  -3.880  1.00 44.38 ? 47  HOH A O     1 
HETATM 549 O  O     . HOH F 4 .  ? -0.056  5.956   0.996   1.00 26.67 ? 48  HOH A O     1 
HETATM 550 O  O     . HOH F 4 .  ? 7.636   -5.178  8.973   1.00 41.63 ? 49  HOH A O     1 
HETATM 551 O  O     . HOH F 4 .  ? 4.969   -8.102  6.402   1.00 31.55 ? 50  HOH A O     1 
HETATM 552 O  O     . HOH F 4 .  ? 9.021   -8.449  -2.543  1.00 46.27 ? 51  HOH A O     1 
HETATM 553 O  O     . HOH F 4 .  ? -0.511  -11.098 5.413   1.00 44.94 ? 52  HOH A O     1 
HETATM 554 O  O     . HOH F 4 .  ? 0.936   4.365   4.514   1.00 25.13 ? 53  HOH A O     1 
HETATM 555 O  O     . HOH F 4 .  ? 18.368  -7.678  6.817   1.00 18.61 ? 54  HOH A O     1 
HETATM 556 O  O     . HOH F 4 .  ? -7.910  8.033   -18.973 1.00 30.55 ? 55  HOH A O     1 
HETATM 557 O  O     . HOH F 4 .  ? -2.981  10.720  0.673   1.00 40.29 ? 56  HOH A O     1 
HETATM 558 O  O     . HOH F 4 .  ? -6.710  7.466   7.614   1.00 28.01 ? 57  HOH A O     1 
HETATM 559 O  O     . HOH F 4 .  ? -7.797  9.615   5.971   1.00 28.85 ? 58  HOH A O     1 
HETATM 560 O  O     . HOH F 4 .  ? -3.177  7.088   -9.774  1.00 28.61 ? 59  HOH A O     1 
HETATM 561 O  O     . HOH F 4 .  ? 10.491  -7.884  8.603   1.00 33.73 ? 61  HOH A O     1 
HETATM 562 O  O     . HOH F 4 .  ? -10.480 3.464   2.030   1.00 26.27 ? 62  HOH A O     1 
HETATM 563 O  O     . HOH F 4 .  ? -2.127  8.855   -2.835  1.00 32.75 ? 63  HOH A O     1 
HETATM 564 O  O     . HOH F 4 .  ? 20.965  -8.025  6.235   1.00 32.69 ? 64  HOH A O     1 
HETATM 565 O  O     . HOH F 4 .  ? 8.037   -7.842  6.839   1.00 33.49 ? 65  HOH A O     1 
HETATM 566 O  O     . HOH F 4 .  ? 12.203  -11.667 -1.103  1.00 43.59 ? 70  HOH A O     1 
HETATM 567 O  O     . HOH F 4 .  ? -9.967  5.435   -0.258  1.00 21.61 ? 72  HOH A O     1 
HETATM 568 O  O     . HOH F 4 .  ? 9.860   -10.027 4.454   1.00 28.03 ? 73  HOH A O     1 
HETATM 569 O  O     . HOH F 4 .  ? -5.705  2.503   -18.451 1.00 26.76 ? 74  HOH A O     1 
HETATM 570 O  O     . HOH F 4 .  ? 13.325  -6.918  -3.188  1.00 39.13 ? 75  HOH A O     1 
HETATM 571 O  O     . HOH F 4 .  ? 20.833  0.732   -2.840  1.00 29.13 ? 77  HOH A O     1 
HETATM 572 O  O     . HOH F 4 .  ? -11.261 10.308  -0.601  1.00 27.79 ? 78  HOH A O     1 
HETATM 573 O  O     . HOH F 4 .  ? 20.006  -7.251  9.342   1.00 23.31 ? 81  HOH A O     1 
HETATM 574 O  O     . HOH F 4 .  ? -6.869  13.680  -0.038  1.00 42.57 ? 82  HOH A O     1 
HETATM 575 O  O     . HOH F 4 .  ? -9.761  -0.376  -10.146 1.00 10.31 ? 83  HOH A O     1 
HETATM 576 O  O     . HOH F 4 .  ? -8.595  -1.496  -12.760 1.00 11.25 ? 85  HOH A O     1 
HETATM 577 O  O     . HOH F 4 .  ? -2.651  5.932   -5.316  1.00 26.09 ? 86  HOH A O     1 
HETATM 578 O  O     . HOH F 4 .  ? -9.369  -3.465  6.018   1.00 31.40 ? 87  HOH A O     1 
HETATM 579 O  O     . HOH F 4 .  ? 2.691   1.563   6.891   1.00 22.27 ? 90  HOH A O     1 
HETATM 580 O  O     . HOH F 4 .  ? -1.173  5.733   -3.256  1.00 33.80 ? 94  HOH A O     1 
HETATM 581 O  O     . HOH F 4 .  ? -1.689  -9.102  -0.104  1.00 31.86 ? 95  HOH A O     1 
HETATM 582 O  O     . HOH F 4 .  ? 18.957  -5.809  0.398   1.00 41.84 ? 98  HOH A O     1 
HETATM 583 O  O     . HOH F 4 .  ? 13.929  -8.049  6.157   1.00 40.14 ? 99  HOH A O     1 
HETATM 584 O  O     . HOH F 4 .  ? 12.740  -10.164 5.184   1.00 30.28 ? 100 HOH A O     1 
HETATM 585 O  O     . HOH F 4 .  ? -11.414 -5.038  2.562   1.00 46.93 ? 103 HOH A O     1 
HETATM 586 O  O     A HOH F 4 .  ? 7.780   -2.690  -0.815  0.50 27.73 ? 105 HOH A O     1 
HETATM 587 O  O     B HOH F 4 .  ? 9.041   -1.157  -1.173  0.50 19.52 ? 105 HOH A O     1 
HETATM 588 O  O     . HOH F 4 .  ? 18.863  -10.461 6.100   1.00 36.22 ? 107 HOH A O     1 
HETATM 589 O  O     . HOH F 4 .  ? 18.259  -2.736  -3.465  1.00 29.70 ? 109 HOH A O     1 
HETATM 590 O  O     . HOH F 4 .  ? -2.554  6.015   6.239   1.00 31.61 ? 114 HOH A O     1 
HETATM 591 O  O     . HOH F 4 .  ? -12.202 6.431   1.851   1.00 31.04 ? 115 HOH A O     1 
HETATM 592 O  O     . HOH F 4 .  ? -10.573 7.817   5.977   1.00 33.65 ? 116 HOH A O     1 
HETATM 593 O  O     . HOH F 4 .  ? -2.077  11.710  -11.626 1.00 31.51 ? 117 HOH A O     1 
HETATM 594 O  O     A HOH F 4 .  ? 9.517   -4.647  -2.476  0.50 25.61 ? 119 HOH A O     1 
HETATM 595 O  O     . HOH F 4 .  ? -13.871 -1.665  2.767   1.00 36.68 ? 120 HOH A O     1 
HETATM 596 O  O     . HOH F 4 .  ? -13.147 -3.101  7.245   1.00 39.99 ? 121 HOH A O     1 
HETATM 597 O  O     . HOH F 4 .  ? -14.333 -0.771  5.738   1.00 44.82 ? 122 HOH A O     1 
HETATM 598 O  O     . HOH F 4 .  ? 9.952   -3.878  0.105   1.00 36.16 ? 123 HOH A O     1 
HETATM 599 O  O     . HOH F 4 .  ? -2.797  -8.937  10.172  1.00 43.85 ? 126 HOH A O     1 
HETATM 600 O  O     . HOH F 4 .  ? -11.496 -5.601  5.263   1.00 43.01 ? 127 HOH A O     1 
HETATM 601 O  O     . HOH F 4 .  ? 17.230  -8.172  3.350   1.00 35.22 ? 137 HOH A O     1 
HETATM 602 O  O     . HOH F 4 .  ? -3.207  8.599   -13.738 1.00 34.96 ? 138 HOH A O     1 
HETATM 603 O  O     . HOH F 4 .  ? 1.014   2.173   8.842   1.00 31.32 ? 140 HOH A O     1 
HETATM 604 O  O     . HOH F 4 .  ? 1.573   -0.999  10.094  1.00 32.53 ? 142 HOH A O     1 
HETATM 605 O  O     . HOH F 4 .  ? 3.369   4.268   7.793   1.00 39.37 ? 143 HOH A O     1 
HETATM 606 O  O     . HOH F 4 .  ? -2.868  6.338   -15.200 1.00 35.60 ? 145 HOH A O     1 
HETATM 607 O  O     . HOH F 4 .  ? 7.261   -11.298 -1.316  1.00 41.04 ? 147 HOH A O     1 
HETATM 608 O  O     B HOH F 4 .  ? 8.492   -5.559  -2.799  0.50 28.97 ? 151 HOH A O     1 
HETATM 609 O  O     . HOH G 4 .  ? -4.692  -0.887  -8.018  1.00 12.56 ? 2   HOH B O     1 
HETATM 610 O  O     . HOH G 4 .  ? -7.197  -0.688  -8.992  1.00 12.21 ? 4   HOH B O     1 
HETATM 611 O  O     . HOH G 4 .  ? -12.376 -4.817  -4.848  1.00 16.72 ? 7   HOH B O     1 
HETATM 612 O  O     . HOH G 4 .  ? -9.203  -3.280  -7.633  1.00 14.26 ? 10  HOH B O     1 
HETATM 613 O  O     . HOH G 4 .  ? -9.308  -9.151  -0.925  1.00 27.01 ? 25  HOH B O     1 
HETATM 614 O  O     . HOH G 4 .  ? 9.234   -4.292  11.171  1.00 22.90 ? 26  HOH B O     1 
HETATM 615 O  O     . HOH G 4 .  ? -13.960 -2.103  -7.931  1.00 20.00 ? 27  HOH B O     1 
HETATM 616 O  O     . HOH G 4 .  ? 16.515  -4.932  15.553  1.00 25.97 ? 28  HOH B O     1 
HETATM 617 O  O     . HOH G 4 .  ? -12.786 2.482   -2.028  1.00 19.33 ? 29  HOH B O     1 
HETATM 618 O  O     . HOH G 4 .  ? -10.756 -8.124  -3.154  1.00 18.69 ? 30  HOH B O     1 
HETATM 619 O  O     . HOH G 4 .  ? -6.964  -4.771  -6.618  1.00 20.65 ? 32  HOH B O     1 
HETATM 620 O  O     . HOH G 4 .  ? 2.070   -0.985  -7.460  1.00 26.53 ? 34  HOH B O     1 
HETATM 621 O  O     . HOH G 4 .  ? 6.352   -1.571  10.852  1.00 35.42 ? 38  HOH B O     1 
HETATM 622 O  O     . HOH G 4 .  ? 1.577   -5.750  -9.031  1.00 31.35 ? 45  HOH B O     1 
HETATM 623 O  O     . HOH G 4 .  ? 8.405   -2.686  -8.097  1.00 34.61 ? 46  HOH B O     1 
HETATM 624 O  O     . HOH G 4 .  ? -2.086  -3.962  -7.427  1.00 20.99 ? 47  HOH B O     1 
HETATM 625 O  O     . HOH G 4 .  ? -18.484 1.426   -7.259  1.00 26.48 ? 51  HOH B O     1 
HETATM 626 O  O     . HOH G 4 .  ? 3.786   4.494   4.466   1.00 35.82 ? 60  HOH B O     1 
HETATM 627 O  O     A HOH G 4 .  ? 2.571   5.245   0.485   0.50 20.57 ? 66  HOH B O     1 
HETATM 628 O  O     B HOH G 4 .  ? 4.365   5.531   1.553   0.50 25.93 ? 66  HOH B O     1 
HETATM 629 O  O     . HOH G 4 .  ? -9.194  -7.650  -5.384  1.00 31.99 ? 67  HOH B O     1 
HETATM 630 O  O     . HOH G 4 .  ? 4.729   1.371   10.635  1.00 43.35 ? 68  HOH B O     1 
HETATM 631 O  O     . HOH G 4 .  ? -12.341 1.721   0.426   1.00 27.65 ? 69  HOH B O     1 
HETATM 632 O  O     . HOH G 4 .  ? 15.365  -7.167  16.609  1.00 34.76 ? 71  HOH B O     1 
HETATM 633 O  O     . HOH G 4 .  ? 5.018   0.868   7.990   1.00 26.69 ? 76  HOH B O     1 
HETATM 634 O  O     . HOH G 4 .  ? -18.732 0.233   1.288   1.00 38.29 ? 79  HOH B O     1 
HETATM 635 O  O     . HOH G 4 .  ? 14.856  -6.165  19.546  1.00 33.05 ? 80  HOH B O     1 
HETATM 636 O  O     . HOH G 4 .  ? -6.056  -1.674  -11.366 1.00 11.52 ? 84  HOH B O     1 
HETATM 637 O  O     . HOH G 4 .  ? 5.634   3.068   -5.325  1.00 33.53 ? 88  HOH B O     1 
HETATM 638 O  O     . HOH G 4 .  ? 3.901   5.008   -1.895  1.00 38.21 ? 89  HOH B O     1 
HETATM 639 O  O     . HOH G 4 .  ? -15.880 1.160   -12.762 1.00 25.95 ? 91  HOH B O     1 
HETATM 640 O  O     . HOH G 4 .  ? -17.083 0.124   -9.738  1.00 31.09 ? 92  HOH B O     1 
HETATM 641 O  O     . HOH G 4 .  ? 1.330   4.713   -3.228  1.00 31.04 ? 93  HOH B O     1 
HETATM 642 O  O     . HOH G 4 .  ? 6.049   6.652   -2.039  1.00 37.59 ? 96  HOH B O     1 
HETATM 643 O  O     . HOH G 4 .  ? -15.971 -2.536  1.232   1.00 30.69 ? 97  HOH B O     1 
HETATM 644 O  O     . HOH G 4 .  ? -17.852 -0.850  -5.957  1.00 28.47 ? 101 HOH B O     1 
HETATM 645 O  O     . HOH G 4 .  ? 1.987   -9.103  -4.246  1.00 30.28 ? 102 HOH B O     1 
HETATM 646 O  O     . HOH G 4 .  ? -19.095 3.456   1.126   1.00 44.18 ? 104 HOH B O     1 
HETATM 647 O  O     . HOH G 4 .  ? 16.014  -8.697  7.605   1.00 37.94 ? 106 HOH B O     1 
HETATM 648 O  O     . HOH G 4 .  ? 11.371  -0.340  -0.799  1.00 36.62 ? 108 HOH B O     1 
HETATM 649 O  O     . HOH G 4 .  ? 6.536   3.729   10.130  1.00 28.82 ? 110 HOH B O     1 
HETATM 650 O  O     . HOH G 4 .  ? 7.209   -0.409  13.047  1.00 34.15 ? 111 HOH B O     1 
HETATM 651 O  O     . HOH G 4 .  ? 9.210   5.878   15.853  1.00 33.10 ? 112 HOH B O     1 
HETATM 652 O  O     . HOH G 4 .  ? 4.034   5.112   11.778  1.00 41.30 ? 113 HOH B O     1 
HETATM 653 O  O     . HOH G 4 .  ? -14.702 -4.294  -6.075  1.00 25.54 ? 124 HOH B O     1 
HETATM 654 O  O     . HOH G 4 .  ? 12.175  -7.590  14.576  1.00 30.11 ? 125 HOH B O     1 
HETATM 655 O  O     . HOH G 4 .  ? 0.648   -3.019  -8.846  1.00 49.60 ? 128 HOH B O     1 
HETATM 656 O  O     . HOH G 4 .  ? -0.434  -0.451  -9.441  1.00 45.69 ? 129 HOH B O     1 
HETATM 657 O  O     . HOH G 4 .  ? 1.266   5.548   -6.288  1.00 45.57 ? 130 HOH B O     1 
HETATM 658 O  O     . HOH G 4 .  ? -20.526 0.703   -3.026  1.00 35.19 ? 131 HOH B O     1 
HETATM 659 O  O     . HOH G 4 .  ? -20.213 0.066   -9.133  1.00 39.73 ? 132 HOH B O     1 
HETATM 660 O  O     . HOH G 4 .  ? -22.849 6.833   -1.398  1.00 42.51 ? 133 HOH B O     1 
HETATM 661 O  O     . HOH G 4 .  ? 5.983   -7.395  -6.683  1.00 37.95 ? 134 HOH B O     1 
HETATM 662 O  O     . HOH G 4 .  ? 6.850   -1.934  16.774  1.00 33.26 ? 135 HOH B O     1 
HETATM 663 O  O     . HOH G 4 .  ? 10.544  -3.162  18.775  1.00 37.49 ? 136 HOH B O     1 
HETATM 664 O  O     . HOH G 4 .  ? 4.128   -1.264  9.405   1.00 38.71 ? 141 HOH B O     1 
HETATM 665 O  O     . HOH G 4 .  ? -19.694 -2.724  -3.103  1.00 39.01 ? 144 HOH B O     1 
HETATM 666 O  O     . HOH G 4 .  ? -4.376  -9.381  -0.956  1.00 35.74 ? 148 HOH B O     1 
HETATM 667 O  O     . HOH G 4 .  ? -7.096  -8.892  0.623   1.00 36.28 ? 149 HOH B O     1 
HETATM 668 O  O     . HOH G 4 .  ? -2.222  -9.720  -5.475  1.00 45.74 ? 150 HOH B O     1 
# 
